data_8EN3
#
_entry.id   8EN3
#
_cell.length_a   79.495
_cell.length_b   71.306
_cell.length_c   82.615
_cell.angle_alpha   90.000
_cell.angle_beta   113.320
_cell.angle_gamma   90.000
#
_symmetry.space_group_name_H-M   'P 1 21 1'
#
loop_
_entity.id
_entity.type
_entity.pdbx_description
1 polymer 'Capsid protein VP1'
2 polymer 'Nanobody 45'
3 non-polymer 1,2-ETHANEDIOL
4 water water
#
loop_
_entity_poly.entity_id
_entity_poly.type
_entity_poly.pdbx_seq_one_letter_code
_entity_poly.pdbx_strand_id
1 'polypeptide(L)'
;GSKPFSLPILTLSELTNSRFPVPIDSLFTAQNNVLQVQCQNGRCTLDGELQGTTQLLPTGICAFRGRVTAQINQRDRWHM
QLQNLNGTTYDPTDDVPAPLGTPDFKGVVFGMVSQRNVGNDAPGSTRAQQAWVSTYSPQFVPKLGSVNLRISDNDDFQFQ
PTKFTPVGVNDDDDGHPFRQWELPNYSGELTLNMNLAPPVAPNFPGEQLLFFRSFVPCSGGYNQGIIDCLIPQEWIQHFY
QESAPSQSDVALIRYVNPDTGRTLFEAKLHRSGYITVAHSGDYPLVVPANGHFRFDSWVNQFYSLAPM
;
A,B
2 'polypeptide(L)'
;QVQLQESGGGLVQAGGSLRLSCTVSGRTDSESTMGWFRQAAGKGREFVAAMNWRYATTYHTDSVKGRFTISKDSAKNTMY
LQMNSLKPEDTAVYYCAHRYIYGSLSDSGSYDNWGQGTQVTVSSAAAYPYDVPDYGSHHHHHH
;
C,D
#
loop_
_chem_comp.id
_chem_comp.type
_chem_comp.name
_chem_comp.formula
EDO non-polymer 1,2-ETHANEDIOL 'C2 H6 O2'
#
# COMPACT_ATOMS: atom_id res chain seq x y z
N SER A 2 30.90 -3.89 -23.74
CA SER A 2 31.12 -5.33 -23.53
C SER A 2 30.11 -5.93 -22.57
N LYS A 3 28.91 -5.33 -22.47
CA LYS A 3 27.85 -5.89 -21.63
C LYS A 3 27.07 -6.90 -22.47
N PRO A 4 27.15 -8.19 -22.17
CA PRO A 4 26.36 -9.18 -22.92
C PRO A 4 24.93 -9.23 -22.41
N PHE A 5 24.04 -9.72 -23.27
CA PHE A 5 22.63 -9.82 -22.87
C PHE A 5 22.44 -10.97 -21.90
N SER A 6 21.56 -10.75 -20.93
CA SER A 6 21.37 -11.71 -19.86
C SER A 6 20.08 -11.36 -19.15
N LEU A 7 19.51 -12.38 -18.43
CA LEU A 7 18.40 -12.33 -17.50
C LEU A 7 18.91 -12.41 -16.06
N PRO A 8 18.28 -11.73 -15.11
CA PRO A 8 18.63 -11.95 -13.71
C PRO A 8 18.20 -13.35 -13.30
N ILE A 9 18.80 -13.87 -12.24
CA ILE A 9 18.49 -15.22 -11.76
C ILE A 9 17.50 -15.06 -10.61
N LEU A 10 16.21 -15.31 -10.89
CA LEU A 10 15.15 -15.05 -9.92
C LEU A 10 14.00 -16.03 -10.13
N THR A 11 13.56 -16.66 -9.05
CA THR A 11 12.39 -17.52 -9.10
C THR A 11 11.13 -16.66 -9.22
N LEU A 12 10.00 -17.33 -9.54
CA LEU A 12 8.73 -16.61 -9.65
C LEU A 12 8.45 -15.83 -8.38
N SER A 13 8.54 -16.49 -7.22
CA SER A 13 8.25 -15.82 -5.97
C SER A 13 9.29 -14.75 -5.62
N GLU A 14 10.35 -14.61 -6.42
CA GLU A 14 11.35 -13.57 -6.30
C GLU A 14 11.14 -12.48 -7.34
N LEU A 15 10.01 -12.50 -8.05
CA LEU A 15 9.68 -11.53 -9.09
C LEU A 15 8.53 -10.64 -8.66
N THR A 16 8.58 -9.38 -9.06
CA THR A 16 7.54 -8.39 -8.81
C THR A 16 6.77 -8.14 -10.09
N ASN A 17 5.45 -8.14 -10.02
CA ASN A 17 4.64 -7.75 -11.16
C ASN A 17 5.01 -6.33 -11.56
N SER A 18 5.11 -6.10 -12.87
CA SER A 18 5.50 -4.80 -13.39
C SER A 18 4.30 -3.93 -13.72
N ARG A 19 3.09 -4.44 -13.48
CA ARG A 19 1.85 -3.69 -13.68
C ARG A 19 1.04 -3.56 -12.40
N PHE A 20 1.49 -4.19 -11.31
CA PHE A 20 0.89 -3.89 -10.02
C PHE A 20 1.87 -4.28 -8.92
N PRO A 21 1.99 -3.49 -7.84
CA PRO A 21 3.09 -3.71 -6.90
C PRO A 21 2.88 -4.93 -6.02
N VAL A 22 2.95 -6.13 -6.60
CA VAL A 22 2.80 -7.39 -5.88
C VAL A 22 3.73 -8.42 -6.50
N PRO A 23 3.98 -9.52 -5.79
CA PRO A 23 4.82 -10.60 -6.35
C PRO A 23 4.10 -11.32 -7.49
N ILE A 24 4.89 -11.99 -8.32
CA ILE A 24 4.32 -12.90 -9.31
C ILE A 24 3.85 -14.17 -8.61
N ASP A 25 2.67 -14.66 -8.99
CA ASP A 25 2.12 -15.89 -8.43
C ASP A 25 2.39 -17.10 -9.31
N SER A 26 2.32 -16.95 -10.63
CA SER A 26 2.44 -18.09 -11.53
C SER A 26 2.74 -17.58 -12.92
N LEU A 27 3.01 -18.52 -13.82
CA LEU A 27 3.16 -18.26 -15.25
C LEU A 27 1.92 -18.78 -15.96
N PHE A 28 1.42 -18.01 -16.92
CA PHE A 28 0.18 -18.39 -17.60
C PHE A 28 0.31 -18.13 -19.08
N THR A 29 -0.06 -19.10 -19.91
CA THR A 29 -0.12 -18.86 -21.35
C THR A 29 -1.58 -18.85 -21.81
N ALA A 30 -1.94 -17.88 -22.67
CA ALA A 30 -3.32 -17.59 -23.03
C ALA A 30 -3.61 -18.03 -24.45
N GLN A 31 -4.81 -18.58 -24.64
CA GLN A 31 -5.27 -18.88 -25.99
C GLN A 31 -5.30 -17.60 -26.81
N ASN A 32 -4.86 -17.71 -28.07
CA ASN A 32 -4.84 -16.57 -28.98
C ASN A 32 -6.24 -15.99 -29.17
N ASN A 33 -6.40 -14.74 -28.77
CA ASN A 33 -7.68 -14.09 -28.90
C ASN A 33 -7.62 -13.05 -29.99
N VAL A 34 -8.65 -12.22 -30.04
CA VAL A 34 -8.60 -10.95 -30.76
C VAL A 34 -8.12 -9.92 -29.74
N LEU A 35 -7.78 -10.39 -28.54
CA LEU A 35 -7.35 -9.51 -27.47
C LEU A 35 -6.16 -8.67 -27.93
N GLN A 36 -6.32 -7.35 -27.82
CA GLN A 36 -5.23 -6.41 -28.05
C GLN A 36 -4.50 -6.24 -26.74
N VAL A 37 -3.31 -6.83 -26.65
CA VAL A 37 -2.46 -6.58 -25.50
C VAL A 37 -1.69 -5.29 -25.78
N GLN A 38 -2.03 -4.23 -25.08
CA GLN A 38 -1.25 -3.01 -25.24
C GLN A 38 -1.03 -2.35 -23.89
N CYS A 39 -0.64 -3.12 -22.89
CA CYS A 39 -0.42 -2.56 -21.58
C CYS A 39 0.76 -1.58 -21.62
N GLN A 40 0.71 -0.56 -20.75
CA GLN A 40 1.67 0.53 -20.77
C GLN A 40 2.63 0.50 -19.58
N ASN A 41 2.26 -0.14 -18.49
CA ASN A 41 3.26 -0.42 -17.48
C ASN A 41 3.94 -1.74 -17.82
N GLY A 42 5.14 -1.92 -17.29
CA GLY A 42 5.90 -3.12 -17.57
C GLY A 42 6.34 -3.30 -19.01
N ARG A 43 6.71 -2.21 -19.69
CA ARG A 43 7.14 -2.25 -21.08
C ARG A 43 8.60 -1.82 -21.15
N CYS A 44 9.46 -2.70 -21.67
CA CYS A 44 10.87 -2.37 -21.80
C CYS A 44 11.50 -3.29 -22.84
N THR A 45 12.21 -2.70 -23.80
CA THR A 45 12.93 -3.48 -24.81
C THR A 45 14.07 -4.24 -24.16
N LEU A 46 14.55 -5.27 -24.85
CA LEU A 46 15.64 -6.06 -24.29
C LEU A 46 16.94 -5.27 -24.17
N ASP A 47 17.09 -4.16 -24.89
CA ASP A 47 18.29 -3.37 -24.76
C ASP A 47 18.12 -2.20 -23.78
N GLY A 48 17.07 -2.22 -22.98
CA GLY A 48 16.95 -1.32 -21.86
C GLY A 48 16.17 -0.05 -22.08
N GLU A 49 15.33 0.03 -23.13
CA GLU A 49 14.52 1.21 -23.39
C GLU A 49 13.15 1.05 -22.74
N LEU A 50 12.92 1.76 -21.63
CA LEU A 50 11.57 1.83 -21.07
C LEU A 50 10.62 2.49 -22.06
N GLN A 51 9.39 2.00 -22.11
CA GLN A 51 8.36 2.55 -23.00
C GLN A 51 7.08 2.72 -22.21
N GLY A 52 6.09 3.38 -22.83
CA GLY A 52 4.81 3.55 -22.15
C GLY A 52 4.93 4.42 -20.92
N THR A 53 4.22 4.03 -19.86
CA THR A 53 4.28 4.70 -18.57
C THR A 53 5.24 4.04 -17.62
N THR A 54 6.19 3.26 -18.14
CA THR A 54 7.03 2.41 -17.30
C THR A 54 8.12 3.22 -16.61
N GLN A 55 8.23 3.06 -15.30
CA GLN A 55 9.34 3.60 -14.53
C GLN A 55 10.00 2.43 -13.78
N LEU A 56 10.98 2.76 -12.95
CA LEU A 56 11.87 1.73 -12.39
C LEU A 56 11.38 1.17 -11.06
N LEU A 57 10.53 1.90 -10.33
CA LEU A 57 10.37 1.43 -8.96
C LEU A 57 9.10 0.60 -8.82
N PRO A 58 9.18 -0.56 -8.20
CA PRO A 58 7.93 -1.31 -7.92
C PRO A 58 6.91 -0.51 -7.14
N THR A 59 7.37 0.33 -6.19
CA THR A 59 6.49 1.21 -5.40
C THR A 59 5.86 2.32 -6.23
N GLY A 60 6.37 2.61 -7.43
CA GLY A 60 5.71 3.61 -8.25
C GLY A 60 4.59 3.11 -9.13
N ILE A 61 4.37 1.79 -9.21
CA ILE A 61 3.37 1.24 -10.12
C ILE A 61 1.98 1.48 -9.54
N CYS A 62 1.14 2.18 -10.31
CA CYS A 62 -0.23 2.58 -9.92
C CYS A 62 -0.23 3.50 -8.71
N ALA A 63 0.87 4.19 -8.46
CA ALA A 63 0.96 5.21 -7.43
C ALA A 63 0.75 6.58 -8.07
N PHE A 64 0.31 7.54 -7.24
CA PHE A 64 0.24 8.94 -7.66
C PHE A 64 0.90 9.82 -6.61
N ARG A 65 1.36 10.98 -7.05
CA ARG A 65 1.99 11.95 -6.18
C ARG A 65 1.62 13.33 -6.72
N GLY A 66 1.32 14.23 -5.79
CA GLY A 66 1.00 15.61 -6.14
C GLY A 66 0.40 16.44 -5.02
N ARG A 67 -0.59 17.25 -5.39
CA ARG A 67 -1.22 18.20 -4.48
C ARG A 67 -2.70 18.20 -4.74
N VAL A 68 -3.49 18.11 -3.70
CA VAL A 68 -4.93 18.26 -3.85
C VAL A 68 -5.25 19.75 -3.83
N THR A 69 -5.95 20.22 -4.88
CA THR A 69 -6.13 21.66 -5.08
C THR A 69 -7.57 22.13 -5.07
N ALA A 70 -8.56 21.24 -5.16
CA ALA A 70 -9.94 21.68 -5.23
C ALA A 70 -10.81 20.45 -4.99
N GLN A 71 -12.08 20.71 -4.72
CA GLN A 71 -13.09 19.67 -4.69
C GLN A 71 -14.25 20.06 -5.59
N ILE A 72 -14.94 19.06 -6.15
CA ILE A 72 -16.10 19.27 -6.98
C ILE A 72 -17.27 18.48 -6.40
N ASN A 73 -18.48 18.91 -6.76
CA ASN A 73 -19.69 18.22 -6.31
C ASN A 73 -20.03 17.07 -7.25
N GLN A 74 -19.11 16.11 -7.34
CA GLN A 74 -19.30 14.89 -8.10
C GLN A 74 -18.68 13.72 -7.34
N ARG A 75 -18.99 12.52 -7.82
CA ARG A 75 -18.41 11.27 -7.32
C ARG A 75 -16.93 11.41 -7.03
N ASP A 76 -16.17 11.72 -8.06
CA ASP A 76 -14.73 11.87 -7.95
C ASP A 76 -14.47 13.31 -7.50
N ARG A 77 -14.51 13.49 -6.19
CA ARG A 77 -14.68 14.82 -5.58
C ARG A 77 -13.38 15.62 -5.58
N TRP A 78 -12.27 15.00 -5.17
CA TRP A 78 -11.07 15.74 -4.81
C TRP A 78 -10.10 15.77 -5.98
N HIS A 79 -9.82 16.97 -6.47
CA HIS A 79 -8.95 17.19 -7.61
C HIS A 79 -7.48 17.12 -7.19
N MET A 80 -6.74 16.13 -7.72
CA MET A 80 -5.33 15.94 -7.37
C MET A 80 -4.46 16.31 -8.56
N GLN A 81 -3.84 17.50 -8.50
CA GLN A 81 -2.90 17.91 -9.54
C GLN A 81 -1.62 17.10 -9.39
N LEU A 82 -1.19 16.45 -10.48
CA LEU A 82 -0.14 15.45 -10.40
C LEU A 82 1.24 16.07 -10.62
N GLN A 83 2.20 15.58 -9.86
CA GLN A 83 3.62 15.71 -10.11
C GLN A 83 4.12 14.40 -10.67
N ASN A 84 5.34 14.41 -11.23
CA ASN A 84 6.00 13.14 -11.46
C ASN A 84 6.24 12.45 -10.12
N LEU A 85 6.38 11.11 -10.15
CA LEU A 85 6.54 10.36 -8.91
C LEU A 85 7.80 10.73 -8.12
N ASN A 86 8.82 11.30 -8.76
CA ASN A 86 10.02 11.65 -8.01
C ASN A 86 9.97 13.07 -7.47
N GLY A 87 8.82 13.75 -7.54
CA GLY A 87 8.68 15.09 -7.05
C GLY A 87 8.77 16.18 -8.11
N THR A 88 9.47 15.91 -9.23
CA THR A 88 9.57 16.91 -10.29
C THR A 88 8.20 17.25 -10.88
N THR A 89 8.09 18.47 -11.41
CA THR A 89 6.83 18.94 -12.01
C THR A 89 6.52 18.15 -13.28
N TYR A 90 5.26 17.76 -13.44
CA TYR A 90 4.85 16.96 -14.59
C TYR A 90 4.64 17.86 -15.80
N ASP A 91 5.11 17.40 -16.97
CA ASP A 91 5.04 18.20 -18.19
C ASP A 91 4.06 17.55 -19.15
N PRO A 92 2.83 18.04 -19.24
CA PRO A 92 1.82 17.35 -20.09
C PRO A 92 2.20 17.26 -21.57
N THR A 93 3.28 17.92 -22.02
CA THR A 93 3.70 17.85 -23.42
C THR A 93 4.84 16.89 -23.63
N ASP A 94 5.28 16.21 -22.57
CA ASP A 94 6.29 15.19 -22.77
C ASP A 94 5.73 14.04 -23.62
N ASP A 95 6.65 13.29 -24.22
CA ASP A 95 6.30 12.24 -25.17
C ASP A 95 6.03 10.91 -24.45
N VAL A 96 4.98 10.92 -23.64
CA VAL A 96 4.61 9.75 -22.84
C VAL A 96 3.09 9.75 -22.77
N PRO A 97 2.44 8.61 -22.55
CA PRO A 97 0.96 8.61 -22.58
C PRO A 97 0.32 9.23 -21.36
N ALA A 98 1.04 9.30 -20.24
CA ALA A 98 0.59 9.71 -18.92
C ALA A 98 1.83 9.74 -18.03
N PRO A 99 1.80 10.36 -16.84
CA PRO A 99 2.94 10.24 -15.93
C PRO A 99 3.34 8.77 -15.75
N LEU A 100 4.63 8.53 -15.59
CA LEU A 100 5.07 7.16 -15.37
C LEU A 100 4.45 6.61 -14.08
N GLY A 101 4.03 5.36 -14.13
CA GLY A 101 3.36 4.74 -13.02
C GLY A 101 1.84 4.73 -13.10
N THR A 102 1.25 5.58 -13.92
CA THR A 102 -0.20 5.68 -14.05
C THR A 102 -0.79 4.29 -14.32
N PRO A 103 -1.92 3.92 -13.68
CA PRO A 103 -2.53 2.62 -13.97
C PRO A 103 -2.87 2.50 -15.44
N ASP A 104 -2.77 1.29 -15.97
CA ASP A 104 -2.97 1.08 -17.40
C ASP A 104 -4.14 0.13 -17.68
N PHE A 105 -5.23 0.28 -16.94
CA PHE A 105 -6.36 -0.62 -17.11
C PHE A 105 -7.63 0.11 -16.68
N LYS A 106 -8.77 -0.42 -17.12
CA LYS A 106 -10.09 0.08 -16.72
C LYS A 106 -10.51 -0.62 -15.44
N GLY A 107 -10.97 0.15 -14.46
CA GLY A 107 -11.37 -0.44 -13.20
C GLY A 107 -11.30 0.61 -12.11
N VAL A 108 -11.41 0.12 -10.87
CA VAL A 108 -11.17 0.96 -9.71
C VAL A 108 -9.94 0.42 -9.01
N VAL A 109 -9.08 1.33 -8.61
CA VAL A 109 -7.92 1.01 -7.80
C VAL A 109 -8.21 1.57 -6.42
N PHE A 110 -8.23 0.69 -5.42
CA PHE A 110 -8.42 1.15 -4.05
C PHE A 110 -7.07 1.16 -3.33
N GLY A 111 -6.97 2.04 -2.35
CA GLY A 111 -5.74 2.18 -1.60
C GLY A 111 -5.92 3.22 -0.51
N MET A 112 -4.85 3.99 -0.25
CA MET A 112 -4.87 5.05 0.74
C MET A 112 -4.23 6.32 0.20
N VAL A 113 -4.86 7.43 0.48
CA VAL A 113 -4.23 8.72 0.26
C VAL A 113 -3.56 9.12 1.56
N SER A 114 -2.43 9.81 1.45
CA SER A 114 -1.81 10.39 2.62
C SER A 114 -1.38 11.82 2.30
N GLN A 115 -1.32 12.66 3.33
CA GLN A 115 -0.96 14.05 3.15
C GLN A 115 0.11 14.45 4.16
N ARG A 116 0.86 15.50 3.82
CA ARG A 116 1.80 16.13 4.75
C ARG A 116 1.89 17.61 4.38
N ASN A 117 1.35 18.47 5.24
CA ASN A 117 1.24 19.89 4.91
C ASN A 117 2.61 20.53 4.74
N VAL A 118 2.69 21.48 3.81
CA VAL A 118 3.79 22.42 3.75
C VAL A 118 3.22 23.83 3.76
N GLY A 119 4.11 24.81 3.91
CA GLY A 119 3.67 26.19 3.83
C GLY A 119 3.17 26.74 5.16
N ASN A 120 2.20 27.65 5.10
CA ASN A 120 1.81 28.41 6.29
C ASN A 120 0.78 27.68 7.15
N ASP A 121 0.07 26.70 6.61
CA ASP A 121 -1.03 26.04 7.30
C ASP A 121 -0.55 24.72 7.91
N ALA A 122 -0.26 24.77 9.22
CA ALA A 122 0.12 23.60 10.00
C ALA A 122 1.19 22.73 9.32
N PRO A 123 2.30 23.33 8.90
CA PRO A 123 3.30 22.55 8.14
C PRO A 123 3.78 21.36 8.96
N GLY A 124 3.88 20.19 8.31
CA GLY A 124 4.30 18.98 8.95
C GLY A 124 3.17 18.08 9.44
N SER A 125 1.97 18.62 9.60
CA SER A 125 0.82 17.82 10.00
C SER A 125 0.48 16.83 8.89
N THR A 126 0.06 15.62 9.28
CA THR A 126 -0.20 14.51 8.35
C THR A 126 -1.59 13.93 8.59
N ARG A 127 -2.05 13.11 7.65
CA ARG A 127 -3.30 12.34 7.73
C ARG A 127 -3.29 11.28 6.64
N ALA A 128 -4.09 10.23 6.84
CA ALA A 128 -4.20 9.19 5.82
C ALA A 128 -5.55 8.51 5.92
N GLN A 129 -6.06 8.03 4.78
CA GLN A 129 -7.37 7.39 4.77
C GLN A 129 -7.52 6.57 3.50
N GLN A 130 -8.45 5.62 3.53
CA GLN A 130 -8.73 4.85 2.34
C GLN A 130 -9.25 5.77 1.24
N ALA A 131 -8.88 5.48 0.00
CA ALA A 131 -9.39 6.20 -1.15
C ALA A 131 -9.55 5.23 -2.31
N TRP A 132 -10.21 5.71 -3.36
CA TRP A 132 -10.47 4.95 -4.57
C TRP A 132 -10.22 5.88 -5.73
N VAL A 133 -9.53 5.38 -6.77
CA VAL A 133 -9.41 6.09 -8.05
C VAL A 133 -9.99 5.19 -9.11
N SER A 134 -11.05 5.66 -9.78
CA SER A 134 -11.64 4.89 -10.86
C SER A 134 -11.06 5.39 -12.18
N THR A 135 -10.45 4.50 -12.96
CA THR A 135 -9.96 4.95 -14.26
C THR A 135 -11.04 5.07 -15.31
N TYR A 136 -12.30 4.83 -14.93
CA TYR A 136 -13.45 5.23 -15.74
C TYR A 136 -13.86 6.69 -15.51
N SER A 137 -13.30 7.37 -14.52
CA SER A 137 -13.81 8.69 -14.16
C SER A 137 -13.66 9.69 -15.32
N PRO A 138 -14.62 10.57 -15.55
CA PRO A 138 -14.38 11.67 -16.49
C PRO A 138 -13.26 12.59 -16.02
N GLN A 139 -12.97 12.63 -14.71
CA GLN A 139 -11.88 13.43 -14.17
C GLN A 139 -10.58 12.65 -14.05
N PHE A 140 -10.52 11.44 -14.62
CA PHE A 140 -9.27 10.69 -14.68
C PHE A 140 -8.55 11.16 -15.94
N VAL A 141 -7.80 12.24 -15.82
CA VAL A 141 -7.09 12.81 -16.95
C VAL A 141 -5.61 12.95 -16.63
N PRO A 142 -4.92 11.85 -16.29
CA PRO A 142 -3.52 11.97 -15.86
C PRO A 142 -2.61 12.54 -16.92
N LYS A 143 -2.84 12.25 -18.20
CA LYS A 143 -1.99 12.84 -19.22
C LYS A 143 -2.07 14.37 -19.16
N LEU A 144 -3.25 14.91 -18.85
CA LEU A 144 -3.42 16.36 -18.74
C LEU A 144 -2.92 16.93 -17.42
N GLY A 145 -2.73 16.09 -16.39
CA GLY A 145 -2.07 16.50 -15.17
C GLY A 145 -2.85 16.33 -13.87
N SER A 146 -3.93 15.54 -13.89
CA SER A 146 -4.78 15.43 -12.70
C SER A 146 -5.66 14.18 -12.75
N VAL A 147 -5.96 13.67 -11.57
CA VAL A 147 -7.02 12.69 -11.36
C VAL A 147 -7.83 13.19 -10.18
N ASN A 148 -9.08 12.77 -10.10
CA ASN A 148 -9.89 13.07 -8.94
C ASN A 148 -10.07 11.82 -8.10
N LEU A 149 -10.11 12.02 -6.78
CA LEU A 149 -10.17 10.92 -5.80
C LEU A 149 -11.55 10.81 -5.19
N ARG A 150 -12.03 9.57 -5.05
CA ARG A 150 -13.09 9.28 -4.10
C ARG A 150 -12.43 8.97 -2.77
N ILE A 151 -12.84 9.66 -1.72
CA ILE A 151 -12.22 9.31 -0.45
C ILE A 151 -13.30 8.87 0.54
N SER A 152 -12.90 8.57 1.77
CA SER A 152 -13.83 8.00 2.73
C SER A 152 -14.18 8.94 3.86
N ASP A 153 -13.45 10.05 4.00
CA ASP A 153 -13.66 11.01 5.10
C ASP A 153 -13.38 12.41 4.53
N ASN A 154 -14.42 13.03 3.96
CA ASN A 154 -14.30 14.33 3.32
C ASN A 154 -13.85 15.43 4.29
N ASP A 155 -13.94 15.21 5.60
CA ASP A 155 -13.65 16.26 6.58
C ASP A 155 -12.22 16.26 7.11
N ASP A 156 -11.51 15.14 6.96
CA ASP A 156 -10.10 15.11 7.34
C ASP A 156 -9.24 15.05 6.09
N PHE A 157 -9.35 16.07 5.25
CA PHE A 157 -8.62 16.16 4.00
C PHE A 157 -8.42 17.63 3.66
N GLN A 158 -7.21 17.98 3.23
CA GLN A 158 -6.87 19.37 3.03
C GLN A 158 -6.29 19.56 1.63
N PHE A 159 -6.06 20.82 1.28
CA PHE A 159 -5.45 21.18 0.00
C PHE A 159 -3.93 21.22 0.20
N GLN A 160 -3.33 20.03 0.16
CA GLN A 160 -1.95 19.83 0.60
C GLN A 160 -1.30 18.74 -0.23
N PRO A 161 0.04 18.64 -0.17
CA PRO A 161 0.72 17.59 -0.93
C PRO A 161 0.18 16.22 -0.54
N THR A 162 -0.14 15.41 -1.55
CA THR A 162 -0.82 14.14 -1.36
C THR A 162 -0.12 13.05 -2.18
N LYS A 163 -0.09 11.85 -1.63
CA LYS A 163 0.34 10.64 -2.34
C LYS A 163 -0.77 9.61 -2.25
N PHE A 164 -0.87 8.81 -3.31
CA PHE A 164 -1.78 7.68 -3.36
C PHE A 164 -0.99 6.38 -3.37
N THR A 165 -1.28 5.51 -2.40
CA THR A 165 -0.70 4.17 -2.36
C THR A 165 -1.76 3.17 -2.77
N PRO A 166 -1.58 2.47 -3.89
CA PRO A 166 -2.53 1.43 -4.28
C PRO A 166 -2.40 0.18 -3.42
N VAL A 167 -3.50 -0.55 -3.31
CA VAL A 167 -3.51 -1.78 -2.55
C VAL A 167 -4.08 -2.94 -3.38
N GLY A 168 -5.19 -2.69 -4.08
CA GLY A 168 -5.78 -3.70 -4.95
C GLY A 168 -6.66 -3.05 -5.98
N VAL A 169 -7.40 -3.89 -6.71
CA VAL A 169 -8.28 -3.41 -7.78
C VAL A 169 -9.65 -4.07 -7.64
N ASN A 170 -10.61 -3.58 -8.42
CA ASN A 170 -11.89 -4.28 -8.52
C ASN A 170 -12.61 -3.79 -9.76
N ASP A 171 -13.73 -4.46 -10.07
CA ASP A 171 -14.73 -3.84 -10.91
C ASP A 171 -15.23 -2.59 -10.22
N ASP A 172 -15.57 -1.57 -11.00
CA ASP A 172 -16.15 -0.37 -10.38
C ASP A 172 -17.62 -0.60 -10.04
N ASP A 173 -18.45 -0.84 -11.06
CA ASP A 173 -19.84 -1.29 -10.86
C ASP A 173 -20.21 -2.23 -12.01
N ASP A 174 -21.48 -2.64 -12.07
CA ASP A 174 -21.93 -3.62 -13.06
C ASP A 174 -21.66 -3.15 -14.49
N GLY A 175 -21.81 -1.86 -14.76
CA GLY A 175 -21.58 -1.38 -16.10
C GLY A 175 -20.15 -1.01 -16.42
N HIS A 176 -19.23 -1.12 -15.46
CA HIS A 176 -17.86 -0.62 -15.60
C HIS A 176 -16.88 -1.58 -14.95
N PRO A 177 -16.66 -2.74 -15.55
CA PRO A 177 -15.89 -3.80 -14.90
C PRO A 177 -14.38 -3.58 -15.02
N PHE A 178 -13.64 -4.35 -14.23
CA PHE A 178 -12.19 -4.42 -14.31
C PHE A 178 -11.79 -5.16 -15.58
N ARG A 179 -11.08 -4.48 -16.47
CA ARG A 179 -10.63 -5.07 -17.73
C ARG A 179 -9.16 -4.73 -17.90
N GLN A 180 -8.29 -5.68 -17.55
CA GLN A 180 -6.86 -5.38 -17.50
C GLN A 180 -6.27 -5.04 -18.86
N TRP A 181 -6.95 -5.36 -19.95
CA TRP A 181 -6.41 -5.12 -21.28
C TRP A 181 -7.04 -3.93 -21.98
N GLU A 182 -7.90 -3.16 -21.30
CA GLU A 182 -8.45 -1.94 -21.86
C GLU A 182 -7.78 -0.73 -21.21
N LEU A 183 -7.06 0.05 -22.02
CA LEU A 183 -6.35 1.20 -21.49
C LEU A 183 -7.34 2.28 -21.08
N PRO A 184 -7.03 3.01 -20.01
CA PRO A 184 -7.84 4.18 -19.68
C PRO A 184 -7.68 5.24 -20.77
N ASN A 185 -8.63 6.19 -20.78
CA ASN A 185 -8.49 7.40 -21.59
C ASN A 185 -7.61 8.37 -20.80
N TYR A 186 -6.31 8.35 -21.08
CA TYR A 186 -5.38 9.16 -20.30
C TYR A 186 -5.74 10.64 -20.34
N SER A 187 -6.38 11.11 -21.42
CA SER A 187 -6.70 12.52 -21.56
C SER A 187 -8.18 12.80 -21.35
N GLY A 188 -8.97 11.83 -20.91
CA GLY A 188 -10.38 12.05 -20.66
C GLY A 188 -11.27 11.58 -21.80
N GLU A 189 -12.57 11.70 -21.55
CA GLU A 189 -13.58 11.17 -22.47
C GLU A 189 -13.50 11.86 -23.83
N LEU A 190 -13.55 11.03 -24.88
CA LEU A 190 -13.59 11.40 -26.30
C LEU A 190 -12.24 11.85 -26.84
N THR A 191 -11.17 11.73 -26.04
CA THR A 191 -9.80 11.95 -26.47
C THR A 191 -9.07 10.62 -26.54
N LEU A 192 -8.22 10.46 -27.54
CA LEU A 192 -7.52 9.19 -27.76
C LEU A 192 -6.10 9.27 -27.22
N ASN A 193 -5.54 8.11 -26.94
CA ASN A 193 -4.22 8.05 -26.36
C ASN A 193 -3.13 8.22 -27.44
N MET A 194 -1.96 8.69 -26.99
CA MET A 194 -0.79 8.83 -27.83
C MET A 194 0.44 8.40 -27.05
N ASN A 195 1.54 8.22 -27.78
CA ASN A 195 2.85 7.86 -27.22
C ASN A 195 2.84 6.49 -26.57
N LEU A 196 2.01 5.59 -27.08
CA LEU A 196 1.86 4.28 -26.46
C LEU A 196 2.99 3.34 -26.84
N ALA A 197 3.44 2.53 -25.88
CA ALA A 197 4.17 1.33 -26.24
C ALA A 197 3.29 0.53 -27.20
N PRO A 198 3.89 -0.15 -28.16
CA PRO A 198 3.11 -0.79 -29.23
C PRO A 198 2.42 -2.06 -28.76
N PRO A 199 1.38 -2.48 -29.47
CA PRO A 199 0.72 -3.73 -29.10
C PRO A 199 1.59 -4.93 -29.42
N VAL A 200 1.33 -6.03 -28.71
CA VAL A 200 2.08 -7.26 -28.89
C VAL A 200 1.08 -8.40 -29.09
N ALA A 201 1.53 -9.41 -29.82
CA ALA A 201 0.72 -10.58 -30.11
C ALA A 201 1.63 -11.64 -30.72
N PRO A 202 1.20 -12.90 -30.69
CA PRO A 202 1.96 -13.93 -31.40
C PRO A 202 1.93 -13.64 -32.89
N ASN A 203 2.99 -14.07 -33.57
CA ASN A 203 3.20 -13.82 -34.99
C ASN A 203 3.93 -15.02 -35.61
N PHE A 204 3.47 -16.21 -35.27
CA PHE A 204 4.10 -17.48 -35.61
C PHE A 204 3.08 -18.56 -35.31
N PRO A 205 2.87 -19.53 -36.20
CA PRO A 205 1.81 -20.53 -35.97
C PRO A 205 2.06 -21.37 -34.72
N GLY A 206 0.99 -21.58 -33.96
CA GLY A 206 1.06 -22.39 -32.77
C GLY A 206 1.68 -21.71 -31.56
N GLU A 207 1.97 -20.43 -31.63
CA GLU A 207 2.60 -19.75 -30.51
C GLU A 207 1.60 -18.89 -29.77
N GLN A 208 1.80 -18.79 -28.45
CA GLN A 208 0.95 -17.98 -27.60
C GLN A 208 1.80 -17.11 -26.69
N LEU A 209 1.22 -15.99 -26.27
CA LEU A 209 1.86 -15.15 -25.27
C LEU A 209 2.06 -15.91 -23.96
N LEU A 210 3.11 -15.54 -23.22
CA LEU A 210 3.37 -16.06 -21.88
C LEU A 210 3.41 -14.89 -20.92
N PHE A 211 2.62 -14.96 -19.85
CA PHE A 211 2.48 -13.87 -18.89
C PHE A 211 3.04 -14.26 -17.53
N PHE A 212 3.61 -13.28 -16.84
CA PHE A 212 3.88 -13.40 -15.40
C PHE A 212 2.63 -12.88 -14.71
N ARG A 213 1.90 -13.77 -14.05
CA ARG A 213 0.57 -13.48 -13.54
C ARG A 213 0.59 -13.29 -12.02
N SER A 214 -0.11 -12.25 -11.55
CA SER A 214 -0.41 -12.11 -10.13
C SER A 214 -1.91 -12.08 -9.94
N PHE A 215 -2.34 -12.53 -8.74
CA PHE A 215 -3.72 -12.40 -8.25
C PHE A 215 -3.67 -11.36 -7.12
N VAL A 216 -4.02 -10.13 -7.47
CA VAL A 216 -3.88 -8.97 -6.59
C VAL A 216 -5.13 -8.87 -5.72
N PRO A 217 -5.09 -8.17 -4.59
CA PRO A 217 -6.25 -8.12 -3.70
C PRO A 217 -7.44 -7.42 -4.35
N CYS A 218 -8.63 -7.88 -4.01
CA CYS A 218 -9.85 -7.17 -4.39
C CYS A 218 -10.62 -6.79 -3.14
N SER A 219 -11.59 -5.90 -3.32
CA SER A 219 -12.29 -5.23 -2.23
C SER A 219 -13.73 -5.70 -2.07
N GLY A 220 -14.10 -6.81 -2.67
CA GLY A 220 -15.47 -7.31 -2.55
C GLY A 220 -15.92 -8.05 -3.80
N GLY A 221 -16.81 -9.03 -3.60
CA GLY A 221 -17.20 -9.86 -4.71
C GLY A 221 -16.14 -10.90 -4.98
N TYR A 222 -16.18 -11.45 -6.20
CA TYR A 222 -15.42 -12.65 -6.54
C TYR A 222 -14.33 -12.44 -7.59
N ASN A 223 -14.10 -11.21 -8.03
CA ASN A 223 -13.06 -10.97 -9.04
C ASN A 223 -11.75 -11.61 -8.62
N GLN A 224 -11.13 -12.36 -9.53
CA GLN A 224 -9.88 -13.05 -9.23
C GLN A 224 -8.67 -12.12 -9.17
N GLY A 225 -8.80 -10.85 -9.54
CA GLY A 225 -7.68 -9.92 -9.37
C GLY A 225 -6.50 -10.19 -10.27
N ILE A 226 -6.74 -10.77 -11.44
CA ILE A 226 -5.69 -11.18 -12.35
C ILE A 226 -5.11 -9.95 -13.02
N ILE A 227 -3.80 -9.75 -12.86
CA ILE A 227 -3.05 -8.79 -13.65
C ILE A 227 -1.87 -9.53 -14.24
N ASP A 228 -1.83 -9.62 -15.57
CA ASP A 228 -0.74 -10.27 -16.29
C ASP A 228 0.21 -9.23 -16.82
N CYS A 229 1.51 -9.45 -16.64
CA CYS A 229 2.51 -8.56 -17.21
C CYS A 229 3.39 -9.36 -18.17
N LEU A 230 3.99 -8.64 -19.13
CA LEU A 230 4.76 -9.30 -20.17
C LEU A 230 6.16 -9.66 -19.69
N ILE A 231 6.80 -8.79 -18.92
CA ILE A 231 8.04 -9.13 -18.23
C ILE A 231 7.99 -8.55 -16.85
N PRO A 232 8.67 -9.17 -15.90
CA PRO A 232 8.56 -8.72 -14.51
C PRO A 232 9.41 -7.49 -14.29
N GLN A 233 9.12 -6.80 -13.18
CA GLN A 233 9.78 -5.53 -12.95
C GLN A 233 11.28 -5.70 -12.79
N GLU A 234 11.73 -6.84 -12.23
CA GLU A 234 13.16 -7.02 -12.04
C GLU A 234 13.89 -7.22 -13.38
N TRP A 235 13.23 -7.83 -14.37
CA TRP A 235 13.84 -7.94 -15.69
C TRP A 235 14.00 -6.56 -16.30
N ILE A 236 12.99 -5.70 -16.14
CA ILE A 236 13.03 -4.34 -16.66
C ILE A 236 14.20 -3.59 -16.03
N GLN A 237 14.32 -3.66 -14.71
CA GLN A 237 15.39 -2.96 -14.00
C GLN A 237 16.75 -3.52 -14.43
N HIS A 238 16.80 -4.82 -14.69
CA HIS A 238 18.03 -5.46 -15.16
C HIS A 238 18.38 -5.01 -16.58
N PHE A 239 17.42 -5.08 -17.52
CA PHE A 239 17.70 -4.65 -18.89
C PHE A 239 18.10 -3.18 -18.92
N TYR A 240 17.53 -2.36 -18.04
CA TYR A 240 17.89 -0.95 -18.02
C TYR A 240 19.33 -0.78 -17.57
N GLN A 241 19.76 -1.54 -16.55
CA GLN A 241 21.15 -1.49 -16.10
C GLN A 241 22.09 -1.94 -17.23
N GLU A 242 21.76 -3.03 -17.92
CA GLU A 242 22.72 -3.67 -18.79
C GLU A 242 22.76 -3.00 -20.17
N SER A 243 21.62 -2.56 -20.67
CA SER A 243 21.49 -1.97 -22.02
C SER A 243 22.35 -2.70 -23.05
N ALA A 244 22.26 -4.02 -23.04
CA ALA A 244 23.01 -4.79 -24.01
C ALA A 244 22.30 -4.73 -25.35
N PRO A 245 23.00 -4.42 -26.44
CA PRO A 245 22.32 -4.38 -27.74
C PRO A 245 21.74 -5.73 -28.08
N SER A 246 20.59 -5.70 -28.75
CA SER A 246 19.95 -6.93 -29.19
C SER A 246 20.62 -7.38 -30.49
N GLN A 247 21.15 -8.60 -30.49
CA GLN A 247 21.82 -9.11 -31.67
C GLN A 247 20.85 -9.63 -32.74
N SER A 248 19.62 -9.96 -32.36
CA SER A 248 18.57 -10.28 -33.31
C SER A 248 17.24 -9.84 -32.72
N ASP A 249 16.14 -10.14 -33.42
CA ASP A 249 14.83 -9.80 -32.90
C ASP A 249 14.28 -10.80 -31.89
N VAL A 250 14.92 -11.95 -31.71
CA VAL A 250 14.38 -12.97 -30.82
C VAL A 250 15.51 -13.55 -29.98
N ALA A 251 15.29 -13.57 -28.66
CA ALA A 251 16.18 -14.20 -27.70
C ALA A 251 15.60 -15.55 -27.30
N LEU A 252 16.32 -16.63 -27.58
CA LEU A 252 15.87 -17.94 -27.15
C LEU A 252 16.20 -18.09 -25.67
N ILE A 253 15.18 -18.30 -24.83
CA ILE A 253 15.41 -18.44 -23.40
C ILE A 253 14.89 -19.80 -22.95
N ARG A 254 15.53 -20.35 -21.92
CA ARG A 254 15.21 -21.67 -21.39
C ARG A 254 14.89 -21.56 -19.91
N TYR A 255 13.78 -22.17 -19.50
CA TYR A 255 13.41 -22.27 -18.10
C TYR A 255 14.07 -23.50 -17.51
N VAL A 256 14.94 -23.31 -16.53
CA VAL A 256 15.79 -24.38 -16.03
C VAL A 256 15.50 -24.65 -14.56
N ASN A 257 15.58 -25.92 -14.17
CA ASN A 257 15.54 -26.32 -12.76
C ASN A 257 16.98 -26.29 -12.26
N PRO A 258 17.37 -25.31 -11.43
CA PRO A 258 18.78 -25.22 -11.01
C PRO A 258 19.24 -26.40 -10.18
N ASP A 259 18.32 -27.06 -9.44
CA ASP A 259 18.72 -28.22 -8.64
C ASP A 259 19.14 -29.38 -9.53
N THR A 260 18.44 -29.58 -10.64
CA THR A 260 18.74 -30.71 -11.53
C THR A 260 19.51 -30.29 -12.78
N GLY A 261 19.70 -28.99 -13.01
CA GLY A 261 20.39 -28.51 -14.20
C GLY A 261 19.62 -28.66 -15.51
N ARG A 262 18.46 -29.31 -15.51
CA ARG A 262 17.73 -29.64 -16.73
C ARG A 262 16.80 -28.49 -17.15
N THR A 263 16.48 -28.48 -18.45
CA THR A 263 15.59 -27.48 -19.02
C THR A 263 14.16 -28.01 -18.98
N LEU A 264 13.24 -27.18 -18.48
CA LEU A 264 11.85 -27.58 -18.39
C LEU A 264 11.05 -27.28 -19.66
N PHE A 265 11.38 -26.18 -20.32
CA PHE A 265 10.75 -25.73 -21.56
C PHE A 265 11.52 -24.52 -22.06
N GLU A 266 11.31 -24.18 -23.33
CA GLU A 266 11.97 -23.03 -23.96
C GLU A 266 10.93 -22.07 -24.51
N ALA A 267 11.36 -20.82 -24.71
CA ALA A 267 10.46 -19.75 -25.12
C ALA A 267 11.21 -18.71 -25.93
N LYS A 268 10.44 -17.89 -26.66
CA LYS A 268 10.96 -16.75 -27.40
C LYS A 268 10.76 -15.47 -26.59
N LEU A 269 11.86 -14.77 -26.34
CA LEU A 269 11.85 -13.46 -25.69
C LEU A 269 12.10 -12.43 -26.79
N HIS A 270 11.05 -11.73 -27.20
CA HIS A 270 11.14 -10.86 -28.35
C HIS A 270 11.77 -9.52 -27.99
N ARG A 271 12.32 -8.85 -29.00
CA ARG A 271 13.11 -7.65 -28.79
C ARG A 271 12.33 -6.59 -28.04
N SER A 272 11.02 -6.48 -28.28
CA SER A 272 10.26 -5.42 -27.64
C SER A 272 9.82 -5.74 -26.21
N GLY A 273 10.17 -6.91 -25.68
CA GLY A 273 9.98 -7.17 -24.27
C GLY A 273 8.75 -7.97 -23.91
N TYR A 274 8.57 -9.13 -24.56
CA TYR A 274 7.49 -10.06 -24.24
C TYR A 274 7.90 -11.46 -24.66
N ILE A 275 7.08 -12.45 -24.28
CA ILE A 275 7.46 -13.86 -24.39
C ILE A 275 6.38 -14.65 -25.11
N THR A 276 6.78 -15.52 -26.03
CA THR A 276 5.84 -16.47 -26.61
C THR A 276 6.35 -17.89 -26.36
N VAL A 277 5.40 -18.82 -26.34
CA VAL A 277 5.64 -20.24 -26.14
C VAL A 277 4.82 -20.99 -27.18
N ALA A 278 5.21 -22.23 -27.42
CA ALA A 278 4.51 -23.11 -28.35
C ALA A 278 3.51 -23.96 -27.57
N HIS A 279 2.24 -23.58 -27.66
CA HIS A 279 1.19 -24.17 -26.85
C HIS A 279 -0.14 -23.67 -27.37
N SER A 280 -1.16 -24.54 -27.35
CA SER A 280 -2.51 -24.13 -27.71
C SER A 280 -3.42 -24.42 -26.53
N GLY A 281 -4.17 -23.42 -26.12
CA GLY A 281 -5.04 -23.53 -24.97
C GLY A 281 -4.57 -22.64 -23.83
N ASP A 282 -5.53 -22.18 -23.03
CA ASP A 282 -5.20 -21.54 -21.76
C ASP A 282 -4.51 -22.55 -20.86
N TYR A 283 -3.35 -22.17 -20.33
CA TYR A 283 -2.66 -23.14 -19.50
C TYR A 283 -1.84 -22.45 -18.42
N PRO A 284 -2.20 -22.62 -17.15
CA PRO A 284 -1.31 -22.19 -16.05
C PRO A 284 -0.15 -23.17 -15.96
N LEU A 285 1.07 -22.67 -16.05
CA LEU A 285 2.21 -23.54 -16.26
C LEU A 285 2.55 -24.31 -14.98
N VAL A 286 2.79 -25.61 -15.12
CA VAL A 286 3.18 -26.46 -14.00
C VAL A 286 4.70 -26.51 -14.01
N VAL A 287 5.32 -25.80 -13.08
CA VAL A 287 6.78 -25.70 -13.05
C VAL A 287 7.26 -25.82 -11.61
N PRO A 288 8.50 -26.24 -11.41
CA PRO A 288 9.03 -26.32 -10.04
C PRO A 288 9.27 -24.93 -9.48
N ALA A 289 9.15 -24.83 -8.14
CA ALA A 289 9.17 -23.54 -7.45
C ALA A 289 10.51 -22.82 -7.59
N ASN A 290 11.60 -23.56 -7.82
CA ASN A 290 12.92 -22.98 -7.92
C ASN A 290 13.31 -22.62 -9.35
N GLY A 291 12.39 -22.74 -10.30
CA GLY A 291 12.76 -22.55 -11.69
C GLY A 291 13.08 -21.10 -12.00
N HIS A 292 13.85 -20.90 -13.07
CA HIS A 292 14.05 -19.56 -13.60
C HIS A 292 14.46 -19.66 -15.06
N PHE A 293 14.19 -18.59 -15.79
CA PHE A 293 14.65 -18.49 -17.15
C PHE A 293 16.14 -18.20 -17.21
N ARG A 294 16.76 -18.60 -18.32
CA ARG A 294 18.17 -18.35 -18.59
C ARG A 294 18.32 -18.05 -20.08
N PHE A 295 18.93 -16.92 -20.40
CA PHE A 295 19.18 -16.61 -21.80
C PHE A 295 20.06 -17.68 -22.42
N ASP A 296 19.69 -18.14 -23.62
CA ASP A 296 20.41 -19.20 -24.31
C ASP A 296 21.13 -18.70 -25.54
N SER A 297 20.41 -18.09 -26.50
CA SER A 297 21.06 -17.58 -27.70
C SER A 297 20.12 -16.66 -28.46
N TRP A 298 20.72 -15.83 -29.32
CA TRP A 298 19.98 -15.05 -30.30
C TRP A 298 19.62 -15.98 -31.47
N VAL A 299 18.34 -16.08 -31.78
CA VAL A 299 17.87 -16.87 -32.90
C VAL A 299 17.15 -15.94 -33.88
N ASN A 300 16.83 -16.48 -35.04
CA ASN A 300 16.29 -15.63 -36.09
C ASN A 300 14.78 -15.78 -36.16
N GLN A 301 14.20 -15.44 -37.32
CA GLN A 301 12.75 -15.42 -37.48
C GLN A 301 12.18 -16.83 -37.60
N PHE A 302 12.90 -17.74 -38.25
CA PHE A 302 12.35 -19.05 -38.56
C PHE A 302 12.37 -20.01 -37.38
N TYR A 303 12.97 -19.66 -36.25
CA TYR A 303 13.17 -20.63 -35.17
C TYR A 303 11.84 -21.18 -34.67
N SER A 304 11.71 -22.51 -34.68
CA SER A 304 10.52 -23.19 -34.19
C SER A 304 10.77 -23.68 -32.77
N LEU A 305 9.90 -23.27 -31.84
CA LEU A 305 10.05 -23.64 -30.45
C LEU A 305 9.63 -25.08 -30.24
N ALA A 306 10.37 -25.77 -29.39
CA ALA A 306 9.89 -27.07 -28.95
C ALA A 306 8.54 -26.90 -28.27
N PRO A 307 7.56 -27.75 -28.56
CA PRO A 307 6.24 -27.59 -27.93
C PRO A 307 6.33 -27.63 -26.41
N MET A 308 5.48 -26.84 -25.78
CA MET A 308 5.55 -26.66 -24.36
C MET A 308 4.28 -27.23 -23.72
N SER B 2 38.86 -12.64 -9.75
CA SER B 2 37.47 -13.07 -9.61
C SER B 2 36.49 -12.02 -10.13
N LYS B 3 35.19 -12.32 -10.02
CA LYS B 3 34.16 -11.44 -10.56
C LYS B 3 34.26 -10.06 -9.93
N PRO B 4 34.30 -8.98 -10.74
CA PRO B 4 34.49 -7.65 -10.16
C PRO B 4 33.24 -7.15 -9.46
N PHE B 5 33.45 -6.50 -8.31
CA PHE B 5 32.37 -5.90 -7.53
C PHE B 5 31.87 -4.62 -8.22
N SER B 6 30.59 -4.32 -8.02
CA SER B 6 30.02 -3.17 -8.72
C SER B 6 28.73 -2.74 -8.03
N LEU B 7 28.37 -1.49 -8.27
CA LEU B 7 27.07 -0.96 -7.87
C LEU B 7 26.16 -0.80 -9.08
N PRO B 8 24.84 -0.91 -8.90
CA PRO B 8 23.93 -0.53 -9.98
C PRO B 8 23.99 0.98 -10.14
N ILE B 9 23.72 1.46 -11.36
CA ILE B 9 23.77 2.91 -11.64
C ILE B 9 22.35 3.47 -11.46
N LEU B 10 22.12 4.13 -10.33
CA LEU B 10 20.76 4.58 -10.00
C LEU B 10 20.79 5.88 -9.22
N THR B 11 20.05 6.88 -9.70
CA THR B 11 19.88 8.11 -8.92
C THR B 11 19.05 7.82 -7.68
N LEU B 12 19.00 8.80 -6.76
CA LEU B 12 18.30 8.57 -5.50
C LEU B 12 16.82 8.34 -5.73
N SER B 13 16.21 9.11 -6.62
CA SER B 13 14.80 8.93 -6.90
C SER B 13 14.54 7.66 -7.72
N GLU B 14 15.58 6.94 -8.12
CA GLU B 14 15.50 5.62 -8.70
C GLU B 14 15.79 4.52 -7.68
N LEU B 15 15.86 4.87 -6.41
CA LEU B 15 16.18 3.91 -5.36
C LEU B 15 14.97 3.71 -4.45
N THR B 16 14.81 2.48 -3.97
CA THR B 16 13.76 2.10 -3.03
C THR B 16 14.35 1.91 -1.65
N ASN B 17 13.72 2.51 -0.63
CA ASN B 17 14.14 2.23 0.73
C ASN B 17 14.06 0.73 1.00
N SER B 18 15.08 0.20 1.65
CA SER B 18 15.09 -1.22 1.96
C SER B 18 14.45 -1.54 3.30
N ARG B 19 13.96 -0.53 4.02
CA ARG B 19 13.25 -0.75 5.27
C ARG B 19 11.81 -0.27 5.25
N PHE B 20 11.37 0.39 4.17
CA PHE B 20 9.95 0.68 3.99
C PHE B 20 9.67 0.87 2.49
N PRO B 21 8.54 0.37 1.96
CA PRO B 21 8.34 0.32 0.49
C PRO B 21 8.00 1.68 -0.12
N VAL B 22 8.98 2.56 -0.11
CA VAL B 22 8.87 3.91 -0.66
C VAL B 22 10.20 4.31 -1.27
N PRO B 23 10.20 5.30 -2.16
CA PRO B 23 11.47 5.78 -2.73
C PRO B 23 12.34 6.44 -1.67
N ILE B 24 13.65 6.44 -1.95
CA ILE B 24 14.56 7.28 -1.20
C ILE B 24 14.27 8.74 -1.53
N ASP B 25 14.33 9.61 -0.51
CA ASP B 25 14.21 11.05 -0.73
C ASP B 25 15.56 11.76 -0.70
N SER B 26 16.50 11.35 0.15
CA SER B 26 17.76 12.08 0.26
C SER B 26 18.82 11.23 0.95
N LEU B 27 20.06 11.72 0.90
CA LEU B 27 21.16 11.16 1.69
C LEU B 27 21.30 12.01 2.94
N PHE B 28 21.61 11.37 4.06
CA PHE B 28 21.74 12.06 5.33
C PHE B 28 22.85 11.42 6.14
N THR B 29 23.76 12.22 6.68
CA THR B 29 24.80 11.69 7.56
C THR B 29 24.55 12.15 8.99
N ALA B 30 24.72 11.22 9.95
CA ALA B 30 24.32 11.43 11.33
C ALA B 30 25.52 11.57 12.27
N GLN B 31 25.39 12.44 13.26
CA GLN B 31 26.37 12.50 14.32
C GLN B 31 26.39 11.19 15.10
N ASN B 32 27.60 10.73 15.43
CA ASN B 32 27.77 9.58 16.31
C ASN B 32 27.07 9.81 17.64
N ASN B 33 26.46 8.77 18.17
CA ASN B 33 25.76 8.94 19.44
C ASN B 33 25.55 7.57 20.08
N VAL B 34 24.56 7.48 20.97
CA VAL B 34 24.33 6.25 21.71
C VAL B 34 23.66 5.17 20.87
N LEU B 35 23.03 5.52 19.75
CA LEU B 35 22.28 4.53 18.99
C LEU B 35 23.21 3.42 18.51
N GLN B 36 22.78 2.20 18.72
CA GLN B 36 23.42 1.05 18.10
C GLN B 36 22.42 0.68 17.00
N VAL B 37 22.70 1.19 15.80
CA VAL B 37 21.99 0.82 14.59
C VAL B 37 22.02 -0.70 14.45
N GLN B 38 20.85 -1.31 14.48
CA GLN B 38 20.73 -2.76 14.32
C GLN B 38 19.46 -3.11 13.56
N CYS B 39 19.21 -2.39 12.46
CA CYS B 39 18.04 -2.70 11.65
C CYS B 39 18.18 -4.10 11.06
N GLN B 40 17.04 -4.75 10.85
CA GLN B 40 17.06 -6.12 10.37
C GLN B 40 16.58 -6.25 8.93
N ASN B 41 15.76 -5.33 8.47
CA ASN B 41 15.54 -5.17 7.03
C ASN B 41 16.66 -4.31 6.44
N GLY B 42 16.89 -4.48 5.15
CA GLY B 42 17.96 -3.69 4.53
C GLY B 42 19.36 -4.10 4.89
N ARG B 43 19.62 -5.39 5.05
CA ARG B 43 20.93 -5.87 5.49
C ARG B 43 21.43 -6.90 4.49
N CYS B 44 22.62 -6.66 3.94
CA CYS B 44 23.17 -7.57 2.94
C CYS B 44 24.66 -7.26 2.76
N THR B 45 25.50 -8.29 2.87
CA THR B 45 26.92 -8.08 2.67
C THR B 45 27.20 -7.70 1.22
N LEU B 46 28.40 -7.19 0.99
CA LEU B 46 28.74 -6.77 -0.37
C LEU B 46 28.93 -7.96 -1.28
N ASP B 47 29.15 -9.16 -0.74
CA ASP B 47 29.27 -10.36 -1.57
C ASP B 47 27.95 -11.10 -1.71
N GLY B 48 26.85 -10.51 -1.27
CA GLY B 48 25.53 -11.00 -1.62
C GLY B 48 24.83 -11.90 -0.62
N GLU B 49 25.23 -11.88 0.64
CA GLU B 49 24.58 -12.66 1.68
C GLU B 49 23.53 -11.82 2.39
N LEU B 50 22.25 -12.17 2.22
CA LEU B 50 21.18 -11.48 2.94
C LEU B 50 21.27 -11.83 4.42
N GLN B 51 20.95 -10.86 5.28
CA GLN B 51 20.95 -11.07 6.71
C GLN B 51 19.67 -10.52 7.33
N GLY B 52 19.52 -10.73 8.63
CA GLY B 52 18.37 -10.17 9.32
C GLY B 52 17.07 -10.73 8.80
N THR B 53 16.07 -9.88 8.67
CA THR B 53 14.80 -10.28 8.07
C THR B 53 14.73 -9.90 6.60
N THR B 54 15.87 -9.74 5.94
CA THR B 54 15.90 -9.13 4.61
C THR B 54 15.58 -10.16 3.53
N GLN B 55 14.59 -9.83 2.71
CA GLN B 55 14.26 -10.58 1.51
C GLN B 55 14.37 -9.62 0.33
N LEU B 56 14.05 -10.13 -0.86
CA LEU B 56 14.39 -9.46 -2.10
C LEU B 56 13.30 -8.51 -2.58
N LEU B 57 12.09 -8.69 -2.15
CA LEU B 57 11.02 -8.01 -2.89
C LEU B 57 10.74 -6.66 -2.28
N PRO B 58 10.77 -5.59 -3.04
CA PRO B 58 10.41 -4.29 -2.45
C PRO B 58 9.02 -4.27 -1.86
N THR B 59 8.08 -5.00 -2.47
CA THR B 59 6.70 -5.07 -2.00
C THR B 59 6.54 -5.92 -0.75
N GLY B 60 7.50 -6.77 -0.42
CA GLY B 60 7.43 -7.51 0.82
C GLY B 60 7.84 -6.76 2.07
N ILE B 61 8.34 -5.53 1.95
CA ILE B 61 8.92 -4.86 3.12
C ILE B 61 7.79 -4.33 4.01
N CYS B 62 7.76 -4.81 5.26
CA CYS B 62 6.73 -4.51 6.27
C CYS B 62 5.36 -5.01 5.83
N ALA B 63 5.32 -6.05 5.01
CA ALA B 63 4.08 -6.72 4.68
C ALA B 63 3.97 -8.02 5.45
N PHE B 64 2.72 -8.47 5.62
CA PHE B 64 2.44 -9.77 6.22
C PHE B 64 1.55 -10.56 5.27
N ARG B 65 1.72 -11.88 5.30
CA ARG B 65 0.87 -12.77 4.52
C ARG B 65 0.52 -13.96 5.40
N GLY B 66 -0.70 -14.44 5.27
CA GLY B 66 -1.11 -15.60 6.02
C GLY B 66 -2.61 -15.79 6.11
N ARG B 67 -3.09 -16.05 7.32
CA ARG B 67 -4.44 -16.49 7.55
C ARG B 67 -4.93 -15.95 8.90
N VAL B 68 -6.12 -15.38 8.92
CA VAL B 68 -6.72 -14.97 10.20
C VAL B 68 -7.45 -16.18 10.76
N THR B 69 -7.12 -16.58 11.99
CA THR B 69 -7.56 -17.87 12.51
C THR B 69 -8.40 -17.81 13.78
N ALA B 70 -8.50 -16.66 14.43
CA ALA B 70 -9.19 -16.49 15.71
C ALA B 70 -9.22 -14.99 15.97
N GLN B 71 -10.03 -14.60 16.94
CA GLN B 71 -10.04 -13.24 17.46
C GLN B 71 -10.09 -13.26 18.98
N ILE B 72 -9.55 -12.20 19.59
CA ILE B 72 -9.51 -12.01 21.04
C ILE B 72 -10.20 -10.70 21.39
N ASN B 73 -10.65 -10.60 22.64
CA ASN B 73 -11.34 -9.40 23.10
C ASN B 73 -10.33 -8.44 23.69
N GLN B 74 -9.56 -7.85 22.78
CA GLN B 74 -8.53 -6.85 23.10
C GLN B 74 -8.35 -5.97 21.88
N ARG B 75 -7.71 -4.83 22.10
CA ARG B 75 -7.31 -3.90 21.03
C ARG B 75 -6.84 -4.61 19.77
N ASP B 76 -5.79 -5.42 19.92
CA ASP B 76 -5.19 -6.14 18.80
C ASP B 76 -5.98 -7.42 18.63
N ARG B 77 -7.12 -7.29 17.94
CA ARG B 77 -8.21 -8.24 18.02
C ARG B 77 -7.99 -9.48 17.16
N TRP B 78 -7.43 -9.33 15.96
CA TRP B 78 -7.51 -10.35 14.91
C TRP B 78 -6.20 -11.10 14.77
N HIS B 79 -6.21 -12.36 15.16
CA HIS B 79 -5.01 -13.20 15.18
C HIS B 79 -4.68 -13.66 13.76
N MET B 80 -3.55 -13.20 13.24
CA MET B 80 -3.10 -13.51 11.88
C MET B 80 -1.92 -14.49 11.98
N GLN B 81 -2.21 -15.78 11.75
CA GLN B 81 -1.15 -16.76 11.51
C GLN B 81 -0.36 -16.40 10.25
N LEU B 82 0.95 -16.30 10.37
CA LEU B 82 1.80 -15.86 9.28
C LEU B 82 2.28 -17.03 8.42
N GLN B 83 2.39 -16.77 7.13
CA GLN B 83 3.14 -17.56 6.18
C GLN B 83 4.35 -16.75 5.76
N ASN B 84 5.32 -17.41 5.13
CA ASN B 84 6.34 -16.61 4.47
C ASN B 84 5.69 -15.79 3.36
N LEU B 85 6.35 -14.70 2.94
CA LEU B 85 5.71 -13.86 1.92
C LEU B 85 5.54 -14.60 0.59
N ASN B 86 6.40 -15.59 0.30
CA ASN B 86 6.24 -16.32 -0.96
C ASN B 86 5.21 -17.42 -0.87
N GLY B 87 4.43 -17.48 0.21
CA GLY B 87 3.39 -18.49 0.34
C GLY B 87 3.80 -19.75 1.05
N THR B 88 5.09 -19.98 1.26
CA THR B 88 5.52 -21.19 1.96
C THR B 88 5.21 -21.10 3.46
N THR B 89 5.20 -22.26 4.10
CA THR B 89 4.97 -22.34 5.54
C THR B 89 6.13 -21.69 6.30
N TYR B 90 5.81 -20.87 7.29
CA TYR B 90 6.87 -20.26 8.11
C TYR B 90 7.29 -21.22 9.22
N ASP B 91 8.60 -21.44 9.35
CA ASP B 91 9.15 -22.33 10.37
C ASP B 91 9.71 -21.49 11.52
N PRO B 92 9.09 -21.50 12.71
CA PRO B 92 9.59 -20.64 13.80
C PRO B 92 10.95 -21.04 14.34
N THR B 93 11.53 -22.17 13.91
CA THR B 93 12.81 -22.65 14.39
C THR B 93 13.95 -22.34 13.42
N ASP B 94 13.66 -21.72 12.29
CA ASP B 94 14.70 -21.27 11.39
C ASP B 94 15.52 -20.15 12.04
N ASP B 95 16.74 -19.97 11.53
CA ASP B 95 17.74 -19.10 12.15
C ASP B 95 17.64 -17.66 11.66
N VAL B 96 16.42 -17.12 11.75
CA VAL B 96 16.09 -15.75 11.36
C VAL B 96 15.41 -15.09 12.54
N PRO B 97 15.45 -13.75 12.62
CA PRO B 97 14.84 -13.07 13.78
C PRO B 97 13.32 -13.14 13.81
N ALA B 98 12.69 -13.26 12.64
CA ALA B 98 11.25 -13.17 12.41
C ALA B 98 11.06 -13.49 10.92
N PRO B 99 9.83 -13.72 10.42
CA PRO B 99 9.66 -13.89 8.97
C PRO B 99 10.30 -12.76 8.20
N LEU B 100 10.91 -13.10 7.06
CA LEU B 100 11.50 -12.05 6.22
C LEU B 100 10.43 -11.04 5.84
N GLY B 101 10.80 -9.76 5.84
CA GLY B 101 9.87 -8.67 5.59
C GLY B 101 9.28 -8.03 6.83
N THR B 102 9.34 -8.71 7.98
CA THR B 102 8.80 -8.20 9.24
C THR B 102 9.34 -6.79 9.54
N PRO B 103 8.49 -5.86 10.00
CA PRO B 103 8.99 -4.51 10.34
C PRO B 103 10.05 -4.58 11.44
N ASP B 104 11.06 -3.71 11.34
CA ASP B 104 12.19 -3.77 12.27
C ASP B 104 12.31 -2.51 13.11
N PHE B 105 11.18 -1.92 13.50
CA PHE B 105 11.16 -0.71 14.30
C PHE B 105 9.99 -0.77 15.27
N LYS B 106 10.09 -0.02 16.36
CA LYS B 106 8.97 0.15 17.28
C LYS B 106 8.03 1.21 16.74
N GLY B 107 6.73 0.93 16.79
CA GLY B 107 5.74 1.87 16.30
C GLY B 107 4.52 1.14 15.78
N VAL B 108 3.68 1.91 15.09
CA VAL B 108 2.47 1.40 14.43
C VAL B 108 2.66 1.53 12.93
N VAL B 109 2.29 0.48 12.23
CA VAL B 109 2.29 0.43 10.78
C VAL B 109 0.84 0.40 10.35
N PHE B 110 0.38 1.45 9.65
CA PHE B 110 -0.97 1.52 9.14
C PHE B 110 -0.99 1.19 7.66
N GLY B 111 -2.05 0.53 7.23
CA GLY B 111 -2.14 0.12 5.87
C GLY B 111 -3.50 -0.48 5.64
N MET B 112 -3.57 -1.54 4.83
CA MET B 112 -4.83 -2.23 4.62
C MET B 112 -4.64 -3.74 4.63
N VAL B 113 -5.66 -4.43 5.12
CA VAL B 113 -5.77 -5.87 5.03
C VAL B 113 -6.70 -6.20 3.90
N SER B 114 -6.43 -7.32 3.23
CA SER B 114 -7.33 -7.83 2.22
C SER B 114 -7.46 -9.33 2.40
N GLN B 115 -8.61 -9.87 1.99
CA GLN B 115 -8.88 -11.29 2.14
C GLN B 115 -9.43 -11.84 0.83
N ARG B 116 -9.15 -13.10 0.56
CA ARG B 116 -9.76 -13.83 -0.55
C ARG B 116 -10.03 -15.24 -0.04
N ASN B 117 -11.31 -15.54 0.19
CA ASN B 117 -11.70 -16.82 0.76
C ASN B 117 -11.19 -18.00 -0.07
N VAL B 118 -10.92 -19.10 0.64
CA VAL B 118 -10.76 -20.41 0.03
C VAL B 118 -11.65 -21.37 0.81
N GLY B 119 -11.80 -22.57 0.27
CA GLY B 119 -12.58 -23.59 0.96
C GLY B 119 -14.08 -23.51 0.73
N ASN B 120 -14.86 -23.95 1.72
CA ASN B 120 -16.30 -24.18 1.55
C ASN B 120 -17.16 -22.94 1.74
N ASP B 121 -16.63 -21.88 2.32
CA ASP B 121 -17.43 -20.72 2.68
C ASP B 121 -17.16 -19.60 1.67
N ALA B 122 -18.03 -19.52 0.66
CA ALA B 122 -17.97 -18.48 -0.37
C ALA B 122 -16.57 -18.33 -0.97
N PRO B 123 -16.01 -19.40 -1.53
CA PRO B 123 -14.62 -19.32 -1.98
C PRO B 123 -14.44 -18.31 -3.12
N GLY B 124 -13.41 -17.49 -3.00
CA GLY B 124 -13.14 -16.43 -3.94
C GLY B 124 -13.78 -15.10 -3.59
N SER B 125 -14.65 -15.08 -2.59
CA SER B 125 -15.17 -13.82 -2.08
C SER B 125 -14.07 -13.03 -1.40
N THR B 126 -14.10 -11.70 -1.54
CA THR B 126 -13.02 -10.82 -1.12
C THR B 126 -13.54 -9.65 -0.27
N ARG B 127 -12.60 -8.90 0.31
CA ARG B 127 -12.86 -7.68 1.06
C ARG B 127 -11.52 -7.04 1.36
N ALA B 128 -11.56 -5.77 1.78
CA ALA B 128 -10.37 -5.03 2.18
C ALA B 128 -10.78 -3.79 2.97
N GLN B 129 -9.89 -3.38 3.86
CA GLN B 129 -10.19 -2.29 4.78
C GLN B 129 -8.88 -1.80 5.42
N GLN B 130 -8.94 -0.59 5.96
CA GLN B 130 -7.78 -0.05 6.67
C GLN B 130 -7.51 -0.87 7.93
N ALA B 131 -6.22 -1.05 8.24
CA ALA B 131 -5.80 -1.76 9.43
C ALA B 131 -4.53 -1.12 9.99
N TRP B 132 -4.14 -1.57 11.17
CA TRP B 132 -2.98 -1.05 11.89
C TRP B 132 -2.31 -2.22 12.60
N VAL B 133 -0.98 -2.28 12.55
CA VAL B 133 -0.21 -3.26 13.32
C VAL B 133 0.82 -2.50 14.14
N SER B 134 0.76 -2.68 15.47
CA SER B 134 1.67 -2.03 16.39
C SER B 134 2.75 -3.03 16.79
N THR B 135 4.00 -2.70 16.48
CA THR B 135 5.11 -3.56 16.88
C THR B 135 5.35 -3.52 18.38
N TYR B 136 4.57 -2.72 19.12
CA TYR B 136 4.52 -2.77 20.58
C TYR B 136 3.50 -3.77 21.11
N SER B 137 2.58 -4.23 20.29
CA SER B 137 1.52 -5.10 20.78
C SER B 137 2.09 -6.34 21.46
N PRO B 138 1.56 -6.73 22.62
CA PRO B 138 1.98 -8.00 23.20
C PRO B 138 1.65 -9.20 22.33
N GLN B 139 0.74 -9.05 21.37
CA GLN B 139 0.44 -10.09 20.41
C GLN B 139 1.27 -9.97 19.15
N PHE B 140 2.20 -9.03 19.10
CA PHE B 140 3.14 -8.92 17.98
C PHE B 140 4.25 -9.90 18.28
N VAL B 141 4.06 -11.14 17.83
CA VAL B 141 5.01 -12.20 18.05
C VAL B 141 5.32 -12.83 16.69
N PRO B 142 5.84 -12.05 15.73
CA PRO B 142 6.05 -12.62 14.39
C PRO B 142 7.05 -13.76 14.41
N LYS B 143 8.01 -13.76 15.35
CA LYS B 143 8.96 -14.87 15.41
C LYS B 143 8.26 -16.18 15.76
N LEU B 144 7.33 -16.14 16.72
CA LEU B 144 6.51 -17.29 17.10
C LEU B 144 5.49 -17.67 16.03
N GLY B 145 5.16 -16.78 15.09
CA GLY B 145 4.33 -17.15 13.95
C GLY B 145 3.03 -16.39 13.79
N SER B 146 2.83 -15.29 14.52
CA SER B 146 1.54 -14.62 14.45
C SER B 146 1.69 -13.16 14.85
N VAL B 147 0.82 -12.31 14.29
CA VAL B 147 0.63 -10.96 14.80
C VAL B 147 -0.87 -10.71 14.85
N ASN B 148 -1.28 -9.72 15.62
CA ASN B 148 -2.69 -9.39 15.70
C ASN B 148 -2.92 -8.01 15.11
N LEU B 149 -4.02 -7.90 14.38
CA LEU B 149 -4.34 -6.70 13.62
C LEU B 149 -5.41 -5.88 14.33
N ARG B 150 -5.23 -4.57 14.34
CA ARG B 150 -6.32 -3.67 14.61
C ARG B 150 -6.95 -3.35 13.27
N ILE B 151 -8.25 -3.60 13.12
CA ILE B 151 -8.87 -3.25 11.85
C ILE B 151 -9.94 -2.19 12.10
N SER B 152 -10.59 -1.72 11.04
CA SER B 152 -11.56 -0.64 11.17
C SER B 152 -13.00 -1.11 11.10
N ASP B 153 -13.24 -2.38 10.77
CA ASP B 153 -14.60 -2.86 10.54
C ASP B 153 -14.64 -4.33 10.92
N ASN B 154 -14.96 -4.59 12.19
CA ASN B 154 -14.86 -5.95 12.72
C ASN B 154 -15.89 -6.90 12.12
N ASP B 155 -16.95 -6.40 11.50
CA ASP B 155 -18.02 -7.26 10.98
C ASP B 155 -17.88 -7.61 9.50
N ASP B 156 -16.94 -7.02 8.78
CA ASP B 156 -16.67 -7.42 7.39
C ASP B 156 -15.25 -7.98 7.31
N PHE B 157 -15.06 -9.15 7.92
CA PHE B 157 -13.76 -9.77 8.14
C PHE B 157 -13.98 -11.21 8.56
N GLN B 158 -13.16 -12.11 8.03
CA GLN B 158 -13.42 -13.54 8.13
C GLN B 158 -12.15 -14.29 8.47
N PHE B 159 -12.32 -15.56 8.81
CA PHE B 159 -11.21 -16.47 9.11
C PHE B 159 -10.71 -17.08 7.80
N GLN B 160 -9.92 -16.30 7.08
CA GLN B 160 -9.59 -16.61 5.69
C GLN B 160 -8.20 -16.09 5.38
N PRO B 161 -7.63 -16.48 4.24
CA PRO B 161 -6.32 -15.95 3.86
C PRO B 161 -6.33 -14.44 3.79
N THR B 162 -5.33 -13.82 4.40
CA THR B 162 -5.28 -12.39 4.61
C THR B 162 -3.88 -11.90 4.28
N LYS B 163 -3.80 -10.72 3.69
CA LYS B 163 -2.54 -10.04 3.49
C LYS B 163 -2.63 -8.63 4.06
N PHE B 164 -1.50 -8.15 4.56
CA PHE B 164 -1.37 -6.78 5.03
C PHE B 164 -0.45 -6.02 4.09
N THR B 165 -0.97 -4.92 3.53
CA THR B 165 -0.17 -4.02 2.71
C THR B 165 0.12 -2.75 3.51
N PRO B 166 1.37 -2.44 3.82
CA PRO B 166 1.66 -1.22 4.58
C PRO B 166 1.52 0.03 3.72
N VAL B 167 1.21 1.16 4.38
CA VAL B 167 1.20 2.46 3.71
C VAL B 167 2.12 3.47 4.37
N GLY B 168 2.14 3.53 5.70
CA GLY B 168 2.97 4.46 6.41
C GLY B 168 3.15 4.02 7.84
N VAL B 169 3.78 4.86 8.64
CA VAL B 169 3.99 4.55 10.05
C VAL B 169 3.55 5.74 10.88
N ASN B 170 3.55 5.54 12.20
CA ASN B 170 3.32 6.64 13.12
C ASN B 170 3.74 6.19 14.49
N ASP B 171 3.97 7.16 15.37
CA ASP B 171 3.88 6.90 16.80
C ASP B 171 2.56 6.18 17.08
N ASP B 172 2.56 5.34 18.11
CA ASP B 172 1.29 4.74 18.54
C ASP B 172 0.58 5.67 19.52
N ASP B 173 1.21 5.98 20.65
CA ASP B 173 0.68 6.98 21.58
C ASP B 173 1.87 7.66 22.26
N ASP B 174 1.58 8.56 23.21
CA ASP B 174 2.66 9.27 23.91
C ASP B 174 3.66 8.31 24.53
N GLY B 175 3.20 7.20 25.09
CA GLY B 175 4.11 6.31 25.78
C GLY B 175 4.83 5.34 24.88
N HIS B 176 4.43 5.28 23.61
CA HIS B 176 4.93 4.28 22.66
C HIS B 176 5.20 4.98 21.35
N PRO B 177 6.31 5.71 21.25
CA PRO B 177 6.58 6.50 20.05
C PRO B 177 7.24 5.66 18.95
N PHE B 178 7.25 6.23 17.75
CA PHE B 178 7.93 5.63 16.61
C PHE B 178 9.44 5.78 16.79
N ARG B 179 10.13 4.65 16.94
CA ARG B 179 11.57 4.61 17.20
C ARG B 179 12.20 3.71 16.16
N GLN B 180 12.68 4.31 15.06
CA GLN B 180 13.15 3.53 13.94
C GLN B 180 14.40 2.71 14.25
N TRP B 181 15.10 2.99 15.34
CA TRP B 181 16.30 2.23 15.69
C TRP B 181 16.09 1.30 16.87
N GLU B 182 14.87 1.18 17.37
CA GLU B 182 14.53 0.22 18.43
C GLU B 182 13.78 -0.96 17.82
N LEU B 183 14.38 -2.14 17.90
CA LEU B 183 13.78 -3.32 17.32
C LEU B 183 12.52 -3.70 18.10
N PRO B 184 11.53 -4.27 17.44
CA PRO B 184 10.41 -4.86 18.17
C PRO B 184 10.88 -6.10 18.92
N ASN B 185 10.05 -6.53 19.87
CA ASN B 185 10.25 -7.83 20.52
C ASN B 185 9.59 -8.87 19.63
N TYR B 186 10.40 -9.53 18.80
CA TYR B 186 9.87 -10.43 17.79
C TYR B 186 9.13 -11.59 18.42
N SER B 187 9.49 -11.99 19.63
CA SER B 187 8.84 -13.10 20.32
C SER B 187 7.91 -12.66 21.42
N GLY B 188 7.63 -11.37 21.54
CA GLY B 188 6.69 -10.87 22.53
C GLY B 188 7.38 -10.31 23.76
N GLU B 189 6.54 -9.80 24.67
CA GLU B 189 7.03 -9.09 25.85
C GLU B 189 7.86 -10.00 26.73
N LEU B 190 8.90 -9.43 27.33
CA LEU B 190 9.81 -10.08 28.26
C LEU B 190 10.72 -11.09 27.58
N THR B 191 10.75 -11.13 26.26
CA THR B 191 11.63 -12.02 25.50
C THR B 191 12.61 -11.20 24.66
N LEU B 192 13.77 -11.80 24.39
CA LEU B 192 14.86 -11.16 23.68
C LEU B 192 15.02 -11.74 22.28
N ASN B 193 15.56 -10.92 21.38
CA ASN B 193 15.68 -11.33 19.99
C ASN B 193 16.92 -12.18 19.77
N MET B 194 16.87 -13.02 18.72
CA MET B 194 17.97 -13.87 18.32
C MET B 194 18.14 -13.84 16.80
N ASN B 195 19.29 -14.34 16.34
CA ASN B 195 19.61 -14.45 14.91
C ASN B 195 19.66 -13.07 14.25
N LEU B 196 20.07 -12.06 14.99
CA LEU B 196 20.10 -10.68 14.49
C LEU B 196 21.31 -10.44 13.59
N ALA B 197 21.10 -9.68 12.53
CA ALA B 197 22.25 -9.07 11.89
C ALA B 197 22.92 -8.14 12.89
N PRO B 198 24.25 -8.02 12.85
CA PRO B 198 24.98 -7.36 13.93
C PRO B 198 24.77 -5.86 13.94
N PRO B 199 25.12 -5.19 15.05
CA PRO B 199 25.09 -3.73 15.07
C PRO B 199 26.10 -3.14 14.12
N VAL B 200 25.92 -1.84 13.84
CA VAL B 200 26.71 -1.10 12.87
C VAL B 200 27.13 0.22 13.49
N ALA B 201 28.41 0.57 13.37
CA ALA B 201 28.92 1.80 13.97
C ALA B 201 30.19 2.23 13.26
N PRO B 202 30.43 3.54 13.17
CA PRO B 202 31.73 4.00 12.67
C PRO B 202 32.83 3.60 13.62
N ASN B 203 34.03 3.43 13.06
CA ASN B 203 35.17 2.87 13.78
C ASN B 203 36.47 3.47 13.25
N PHE B 204 36.45 4.75 12.88
CA PHE B 204 37.58 5.37 12.25
C PHE B 204 37.36 6.82 12.67
N PRO B 205 38.40 7.52 13.16
CA PRO B 205 38.18 8.89 13.71
C PRO B 205 37.58 9.81 12.67
N GLY B 206 36.55 10.54 13.08
CA GLY B 206 35.92 11.50 12.21
C GLY B 206 34.99 10.92 11.17
N GLU B 207 34.60 9.65 11.28
CA GLU B 207 33.69 9.08 10.30
C GLU B 207 32.28 8.97 10.86
N GLN B 208 31.30 9.19 9.99
CA GLN B 208 29.89 9.10 10.34
C GLN B 208 29.19 8.16 9.37
N LEU B 209 28.16 7.47 9.88
CA LEU B 209 27.29 6.69 9.01
C LEU B 209 26.59 7.61 8.01
N LEU B 210 26.43 7.11 6.79
CA LEU B 210 25.63 7.75 5.76
C LEU B 210 24.42 6.86 5.48
N PHE B 211 23.24 7.46 5.50
CA PHE B 211 21.97 6.76 5.31
C PHE B 211 21.30 7.19 4.01
N PHE B 212 20.57 6.25 3.41
CA PHE B 212 19.57 6.55 2.40
C PHE B 212 18.26 6.80 3.13
N ARG B 213 17.75 8.03 3.07
CA ARG B 213 16.64 8.48 3.90
C ARG B 213 15.34 8.60 3.10
N SER B 214 14.25 8.15 3.70
CA SER B 214 12.93 8.41 3.17
C SER B 214 12.10 9.09 4.25
N PHE B 215 11.19 9.94 3.77
CA PHE B 215 10.12 10.54 4.56
C PHE B 215 8.83 9.84 4.15
N VAL B 216 8.40 8.87 4.96
CA VAL B 216 7.29 7.97 4.66
C VAL B 216 5.99 8.57 5.20
N PRO B 217 4.83 8.15 4.70
CA PRO B 217 3.58 8.81 5.10
C PRO B 217 3.30 8.57 6.57
N CYS B 218 2.62 9.54 7.18
CA CYS B 218 2.13 9.39 8.53
C CYS B 218 0.64 9.65 8.53
N SER B 219 0.01 9.38 9.67
CA SER B 219 -1.46 9.30 9.74
C SER B 219 -2.05 10.26 10.76
N GLY B 220 -1.31 11.27 11.17
CA GLY B 220 -1.80 12.26 12.12
C GLY B 220 -0.64 12.81 12.91
N GLY B 221 -0.73 14.09 13.25
CA GLY B 221 0.38 14.68 13.96
C GLY B 221 1.51 15.04 13.02
N TYR B 222 2.68 15.30 13.62
CA TYR B 222 3.77 15.97 12.93
C TYR B 222 4.98 15.07 12.69
N ASN B 223 4.88 13.78 12.95
CA ASN B 223 6.04 12.93 12.74
C ASN B 223 6.54 13.05 11.31
N GLN B 224 7.85 13.25 11.15
CA GLN B 224 8.40 13.39 9.82
C GLN B 224 8.46 12.07 9.06
N GLY B 225 8.18 10.95 9.73
CA GLY B 225 8.18 9.65 9.07
C GLY B 225 9.54 9.23 8.55
N ILE B 226 10.62 9.60 9.24
CA ILE B 226 11.96 9.34 8.74
C ILE B 226 12.29 7.85 8.89
N ILE B 227 12.67 7.21 7.80
CA ILE B 227 13.22 5.86 7.90
C ILE B 227 14.52 5.81 7.10
N ASP B 228 15.60 5.44 7.77
CA ASP B 228 16.93 5.41 7.18
C ASP B 228 17.36 3.96 6.97
N CYS B 229 17.88 3.67 5.78
CA CYS B 229 18.43 2.35 5.50
C CYS B 229 19.92 2.50 5.18
N LEU B 230 20.69 1.47 5.52
CA LEU B 230 22.14 1.52 5.30
C LEU B 230 22.46 1.42 3.83
N ILE B 231 21.76 0.54 3.11
CA ILE B 231 21.89 0.47 1.66
C ILE B 231 20.51 0.26 1.07
N PRO B 232 20.30 0.74 -0.15
CA PRO B 232 18.96 0.71 -0.72
C PRO B 232 18.65 -0.66 -1.30
N GLN B 233 17.34 -0.91 -1.47
CA GLN B 233 16.89 -2.24 -1.84
C GLN B 233 17.53 -2.71 -3.15
N GLU B 234 17.70 -1.78 -4.10
CA GLU B 234 18.30 -2.13 -5.39
C GLU B 234 19.76 -2.58 -5.26
N TRP B 235 20.51 -2.02 -4.31
CA TRP B 235 21.87 -2.51 -4.09
C TRP B 235 21.85 -3.96 -3.58
N ILE B 236 20.99 -4.22 -2.59
CA ILE B 236 20.81 -5.57 -2.06
C ILE B 236 20.46 -6.56 -3.18
N GLN B 237 19.51 -6.19 -4.03
CA GLN B 237 19.16 -7.07 -5.14
C GLN B 237 20.34 -7.29 -6.06
N HIS B 238 21.11 -6.23 -6.33
CA HIS B 238 22.27 -6.33 -7.23
C HIS B 238 23.37 -7.21 -6.62
N PHE B 239 23.73 -6.97 -5.35
CA PHE B 239 24.76 -7.81 -4.70
C PHE B 239 24.34 -9.28 -4.68
N TYR B 240 23.06 -9.55 -4.47
CA TYR B 240 22.58 -10.92 -4.47
C TYR B 240 22.79 -11.57 -5.84
N GLN B 241 22.51 -10.83 -6.92
CA GLN B 241 22.75 -11.38 -8.25
C GLN B 241 24.23 -11.63 -8.48
N GLU B 242 25.07 -10.68 -8.09
CA GLU B 242 26.47 -10.67 -8.51
C GLU B 242 27.30 -11.63 -7.67
N SER B 243 27.14 -11.60 -6.35
CA SER B 243 27.93 -12.42 -5.42
C SER B 243 29.43 -12.25 -5.67
N ALA B 244 29.85 -11.01 -5.94
CA ALA B 244 31.25 -10.78 -6.21
C ALA B 244 32.05 -10.90 -4.92
N PRO B 245 33.14 -11.67 -4.90
CA PRO B 245 34.00 -11.71 -3.71
C PRO B 245 34.51 -10.32 -3.34
N SER B 246 34.40 -9.98 -2.06
CA SER B 246 35.00 -8.77 -1.51
C SER B 246 36.50 -8.98 -1.33
N GLN B 247 37.30 -8.10 -1.96
CA GLN B 247 38.76 -8.16 -1.93
C GLN B 247 39.37 -7.51 -0.70
N SER B 248 38.57 -6.80 0.10
CA SER B 248 39.02 -6.22 1.36
C SER B 248 37.79 -5.86 2.19
N ASP B 249 38.02 -5.32 3.37
CA ASP B 249 36.92 -5.00 4.26
C ASP B 249 36.16 -3.75 3.85
N VAL B 250 36.71 -2.96 2.93
CA VAL B 250 36.17 -1.63 2.63
C VAL B 250 36.29 -1.39 1.13
N ALA B 251 35.15 -1.15 0.49
CA ALA B 251 35.13 -0.71 -0.90
C ALA B 251 35.03 0.82 -0.92
N LEU B 252 36.00 1.47 -1.56
CA LEU B 252 35.93 2.91 -1.73
C LEU B 252 34.95 3.21 -2.86
N ILE B 253 33.97 4.08 -2.59
CA ILE B 253 32.98 4.45 -3.59
C ILE B 253 32.94 5.97 -3.72
N ARG B 254 32.66 6.42 -4.95
CA ARG B 254 32.66 7.88 -5.23
C ARG B 254 31.34 8.33 -5.82
N TYR B 255 30.66 9.28 -5.18
CA TYR B 255 29.42 9.87 -5.68
C TYR B 255 29.74 10.82 -6.83
N VAL B 256 29.20 10.55 -8.02
CA VAL B 256 29.61 11.26 -9.23
C VAL B 256 28.42 11.92 -9.94
N ASN B 257 28.68 13.10 -10.51
CA ASN B 257 27.76 13.80 -11.40
C ASN B 257 28.00 13.36 -12.84
N PRO B 258 27.19 12.45 -13.38
CA PRO B 258 27.42 11.96 -14.75
C PRO B 258 27.45 13.05 -15.80
N ASP B 259 26.74 14.15 -15.59
CA ASP B 259 26.67 15.23 -16.60
C ASP B 259 28.02 15.96 -16.67
N THR B 260 28.75 16.04 -15.55
CA THR B 260 30.05 16.71 -15.57
C THR B 260 31.22 15.75 -15.59
N GLY B 261 31.05 14.53 -15.07
CA GLY B 261 32.15 13.60 -14.95
C GLY B 261 32.97 13.74 -13.68
N ARG B 262 32.63 14.70 -12.82
CA ARG B 262 33.40 14.98 -11.61
C ARG B 262 32.87 14.16 -10.41
N THR B 263 33.77 13.92 -9.47
CA THR B 263 33.40 13.29 -8.21
C THR B 263 32.94 14.37 -7.23
N LEU B 264 31.78 14.13 -6.60
CA LEU B 264 31.21 15.03 -5.60
C LEU B 264 31.77 14.80 -4.19
N PHE B 265 31.93 13.54 -3.79
CA PHE B 265 32.51 13.16 -2.51
C PHE B 265 32.80 11.66 -2.58
N GLU B 266 33.54 11.17 -1.58
CA GLU B 266 33.88 9.76 -1.54
C GLU B 266 33.45 9.18 -0.20
N ALA B 267 33.26 7.87 -0.18
CA ALA B 267 32.76 7.20 1.01
C ALA B 267 33.29 5.79 1.07
N LYS B 268 33.27 5.26 2.29
CA LYS B 268 33.64 3.88 2.55
C LYS B 268 32.40 2.99 2.55
N LEU B 269 32.36 2.00 1.67
CA LEU B 269 31.30 0.99 1.67
C LEU B 269 31.90 -0.28 2.25
N HIS B 270 31.51 -0.60 3.48
CA HIS B 270 32.06 -1.69 4.26
C HIS B 270 31.45 -3.04 3.88
N ARG B 271 32.26 -4.09 4.00
CA ARG B 271 31.87 -5.39 3.47
C ARG B 271 30.57 -5.89 4.06
N SER B 272 30.20 -5.44 5.26
CA SER B 272 28.92 -5.90 5.79
C SER B 272 27.72 -5.09 5.29
N GLY B 273 27.93 -4.15 4.38
CA GLY B 273 26.80 -3.49 3.74
C GLY B 273 26.28 -2.23 4.41
N TYR B 274 27.19 -1.28 4.64
CA TYR B 274 26.85 0.05 5.13
C TYR B 274 27.97 1.02 4.74
N ILE B 275 27.66 2.32 4.86
CA ILE B 275 28.51 3.38 4.31
C ILE B 275 28.96 4.32 5.43
N THR B 276 30.21 4.78 5.39
CA THR B 276 30.64 5.89 6.23
C THR B 276 31.30 6.98 5.40
N VAL B 277 31.25 8.20 5.94
CA VAL B 277 31.78 9.40 5.29
C VAL B 277 32.50 10.24 6.35
N ALA B 278 33.45 11.04 5.89
CA ALA B 278 34.26 11.90 6.77
C ALA B 278 33.55 13.25 6.92
N HIS B 279 32.81 13.39 8.00
CA HIS B 279 32.02 14.59 8.26
C HIS B 279 31.65 14.61 9.74
N SER B 280 31.45 15.81 10.28
CA SER B 280 31.12 15.96 11.70
C SER B 280 29.86 16.81 11.84
N GLY B 281 28.81 16.21 12.36
CA GLY B 281 27.53 16.85 12.50
C GLY B 281 26.47 16.20 11.62
N ASP B 282 25.21 16.35 12.04
CA ASP B 282 24.06 16.00 11.22
C ASP B 282 24.04 16.84 9.96
N TYR B 283 23.88 16.20 8.82
CA TYR B 283 23.92 16.97 7.58
C TYR B 283 23.09 16.29 6.50
N PRO B 284 22.02 16.94 6.03
CA PRO B 284 21.36 16.48 4.81
C PRO B 284 22.21 16.82 3.59
N LEU B 285 22.65 15.81 2.86
CA LEU B 285 23.63 16.05 1.81
C LEU B 285 23.03 16.88 0.68
N VAL B 286 23.80 17.88 0.22
CA VAL B 286 23.42 18.71 -0.92
C VAL B 286 24.11 18.11 -2.13
N VAL B 287 23.32 17.48 -2.99
CA VAL B 287 23.86 16.76 -4.15
C VAL B 287 22.91 16.92 -5.31
N PRO B 288 23.44 16.87 -6.53
CA PRO B 288 22.58 17.01 -7.71
C PRO B 288 21.72 15.76 -7.92
N ALA B 289 20.67 15.95 -8.73
CA ALA B 289 19.62 14.94 -8.85
C ALA B 289 20.08 13.72 -9.65
N ASN B 290 21.03 13.91 -10.56
CA ASN B 290 21.55 12.81 -11.36
C ASN B 290 22.72 12.08 -10.72
N GLY B 291 23.13 12.47 -9.51
CA GLY B 291 24.31 11.85 -8.92
C GLY B 291 24.05 10.41 -8.56
N HIS B 292 25.13 9.62 -8.57
CA HIS B 292 25.07 8.23 -8.17
C HIS B 292 26.45 7.78 -7.70
N PHE B 293 26.46 6.84 -6.78
CA PHE B 293 27.72 6.19 -6.41
C PHE B 293 28.23 5.30 -7.53
N ARG B 294 29.55 5.19 -7.58
CA ARG B 294 30.25 4.28 -8.50
C ARG B 294 31.37 3.63 -7.66
N PHE B 295 31.60 2.35 -7.86
CA PHE B 295 32.68 1.64 -7.16
C PHE B 295 34.03 2.02 -7.72
N ASP B 296 34.93 2.48 -6.84
CA ASP B 296 36.29 2.84 -7.21
C ASP B 296 37.31 1.73 -7.01
N SER B 297 37.50 1.28 -5.76
CA SER B 297 38.54 0.29 -5.49
C SER B 297 38.36 -0.26 -4.09
N TRP B 298 39.04 -1.38 -3.84
CA TRP B 298 39.15 -1.94 -2.50
C TRP B 298 40.34 -1.30 -1.80
N VAL B 299 40.14 -0.83 -0.57
CA VAL B 299 41.20 -0.20 0.18
C VAL B 299 41.39 -0.98 1.47
N ASN B 300 42.47 -0.67 2.17
CA ASN B 300 42.79 -1.37 3.41
C ASN B 300 42.28 -0.53 4.58
N GLN B 301 42.66 -0.94 5.79
CA GLN B 301 42.18 -0.25 6.98
C GLN B 301 42.77 1.15 7.11
N PHE B 302 43.96 1.37 6.53
CA PHE B 302 44.66 2.63 6.70
C PHE B 302 44.08 3.76 5.85
N TYR B 303 43.03 3.51 5.07
CA TYR B 303 42.58 4.52 4.12
C TYR B 303 41.84 5.65 4.81
N SER B 304 42.28 6.88 4.56
CA SER B 304 41.65 8.06 5.11
C SER B 304 40.78 8.72 4.04
N LEU B 305 39.51 8.94 4.38
CA LEU B 305 38.55 9.51 3.44
C LEU B 305 38.77 11.00 3.29
N ALA B 306 38.65 11.48 2.06
CA ALA B 306 38.64 12.92 1.86
C ALA B 306 37.44 13.51 2.59
N PRO B 307 37.61 14.63 3.31
CA PRO B 307 36.48 15.20 4.04
C PRO B 307 35.34 15.57 3.10
N MET B 308 34.12 15.32 3.56
CA MET B 308 32.92 15.70 2.81
C MET B 308 32.17 16.85 3.48
N GLN C 1 -27.48 9.52 10.07
CA GLN C 1 -27.82 8.15 10.43
C GLN C 1 -29.12 7.72 9.71
N VAL C 2 -29.13 6.48 9.24
CA VAL C 2 -30.24 5.93 8.48
C VAL C 2 -30.84 4.78 9.29
N GLN C 3 -32.17 4.64 9.24
CA GLN C 3 -32.87 3.54 9.89
C GLN C 3 -33.37 2.56 8.82
N LEU C 4 -33.01 1.29 8.97
CA LEU C 4 -33.27 0.26 7.96
C LEU C 4 -34.10 -0.88 8.56
N GLN C 5 -34.84 -1.56 7.70
CA GLN C 5 -35.73 -2.65 8.12
C GLN C 5 -36.03 -3.57 6.94
N GLU C 6 -35.68 -4.85 7.06
CA GLU C 6 -35.92 -5.86 6.03
C GLU C 6 -37.24 -6.60 6.28
N SER C 7 -37.76 -7.21 5.20
CA SER C 7 -38.98 -7.99 5.22
C SER C 7 -39.04 -8.82 3.94
N GLY C 8 -39.98 -9.76 3.90
CA GLY C 8 -40.19 -10.58 2.72
C GLY C 8 -39.59 -11.97 2.78
N GLY C 9 -38.83 -12.28 3.83
CA GLY C 9 -38.26 -13.61 3.94
C GLY C 9 -39.31 -14.67 4.26
N GLY C 10 -38.93 -15.93 4.01
CA GLY C 10 -39.83 -17.02 4.31
C GLY C 10 -39.29 -18.36 3.82
N LEU C 11 -40.11 -19.39 4.05
CA LEU C 11 -39.75 -20.78 3.74
C LEU C 11 -40.27 -21.09 2.35
N VAL C 12 -39.36 -21.12 1.37
CA VAL C 12 -39.70 -21.40 -0.01
C VAL C 12 -38.99 -22.67 -0.45
N GLN C 13 -39.39 -23.16 -1.61
CA GLN C 13 -38.81 -24.36 -2.19
C GLN C 13 -37.81 -23.99 -3.27
N ALA C 14 -36.78 -24.82 -3.42
CA ALA C 14 -35.75 -24.59 -4.41
C ALA C 14 -36.35 -24.59 -5.82
N GLY C 15 -36.07 -23.52 -6.56
CA GLY C 15 -36.70 -23.25 -7.85
C GLY C 15 -37.64 -22.08 -7.81
N GLY C 16 -38.15 -21.74 -6.63
CA GLY C 16 -39.11 -20.66 -6.46
C GLY C 16 -38.51 -19.28 -6.58
N SER C 17 -39.20 -18.26 -6.07
CA SER C 17 -38.73 -16.88 -6.15
C SER C 17 -39.19 -16.12 -4.92
N LEU C 18 -38.49 -15.02 -4.64
CA LEU C 18 -38.74 -14.17 -3.48
C LEU C 18 -38.25 -12.76 -3.79
N ARG C 19 -38.98 -11.77 -3.31
CA ARG C 19 -38.55 -10.38 -3.37
C ARG C 19 -38.44 -9.87 -1.95
N LEU C 20 -37.21 -9.60 -1.52
CA LEU C 20 -37.03 -8.91 -0.24
C LEU C 20 -37.19 -7.41 -0.43
N SER C 21 -37.65 -6.76 0.63
CA SER C 21 -37.79 -5.32 0.70
C SER C 21 -36.94 -4.80 1.84
N CYS C 22 -36.44 -3.58 1.67
CA CYS C 22 -35.66 -2.88 2.70
C CYS C 22 -36.13 -1.43 2.69
N THR C 23 -36.77 -1.00 3.78
CA THR C 23 -37.22 0.38 3.90
C THR C 23 -36.09 1.27 4.43
N VAL C 24 -36.02 2.48 3.89
CA VAL C 24 -34.99 3.45 4.22
C VAL C 24 -35.67 4.73 4.72
N SER C 25 -35.29 5.19 5.91
CA SER C 25 -35.71 6.50 6.38
C SER C 25 -34.52 7.19 7.01
N GLY C 26 -34.58 8.51 7.06
CA GLY C 26 -33.48 9.29 7.59
C GLY C 26 -32.72 9.98 6.46
N ARG C 27 -31.60 10.60 6.85
CA ARG C 27 -30.90 11.48 5.93
C ARG C 27 -30.04 10.66 4.98
N THR C 28 -30.24 10.91 3.69
CA THR C 28 -29.55 10.20 2.63
C THR C 28 -29.08 11.24 1.61
N ASP C 29 -27.92 10.99 0.98
CA ASP C 29 -27.43 11.97 0.01
C ASP C 29 -26.92 11.37 -1.30
N SER C 30 -26.16 12.16 -2.07
CA SER C 30 -25.75 11.72 -3.40
C SER C 30 -24.79 10.55 -3.35
N GLU C 31 -24.02 10.44 -2.27
CA GLU C 31 -23.06 9.35 -2.16
C GLU C 31 -23.59 8.16 -1.36
N SER C 32 -24.79 8.28 -0.79
CA SER C 32 -25.45 7.18 -0.09
C SER C 32 -25.43 5.91 -0.91
N THR C 33 -25.01 4.81 -0.27
CA THR C 33 -24.85 3.51 -0.92
C THR C 33 -25.62 2.48 -0.12
N MET C 34 -26.46 1.71 -0.83
CA MET C 34 -27.32 0.70 -0.25
C MET C 34 -26.81 -0.68 -0.67
N GLY C 35 -26.65 -1.56 0.31
CA GLY C 35 -26.16 -2.91 0.03
C GLY C 35 -27.04 -3.99 0.62
N TRP C 36 -27.03 -5.14 -0.04
CA TRP C 36 -27.60 -6.37 0.49
C TRP C 36 -26.46 -7.31 0.87
N PHE C 37 -26.60 -7.96 2.03
CA PHE C 37 -25.67 -8.95 2.55
C PHE C 37 -26.49 -10.16 2.98
N ARG C 38 -25.81 -11.30 3.19
CA ARG C 38 -26.46 -12.51 3.70
C ARG C 38 -25.49 -13.26 4.60
N GLN C 39 -26.03 -13.98 5.59
CA GLN C 39 -25.19 -14.79 6.47
C GLN C 39 -25.91 -16.09 6.84
N ALA C 40 -25.43 -17.20 6.30
CA ALA C 40 -25.88 -18.52 6.70
C ALA C 40 -25.32 -18.86 8.08
N ALA C 41 -25.94 -19.84 8.73
CA ALA C 41 -25.47 -20.29 10.03
C ALA C 41 -24.01 -20.74 9.97
N GLY C 42 -23.20 -20.29 10.91
CA GLY C 42 -21.82 -20.73 10.98
C GLY C 42 -20.89 -20.22 9.90
N LYS C 43 -21.32 -19.30 9.04
CA LYS C 43 -20.53 -18.83 7.92
C LYS C 43 -20.26 -17.33 8.01
N GLY C 44 -19.31 -16.86 7.22
CA GLY C 44 -19.08 -15.43 7.11
C GLY C 44 -20.22 -14.72 6.38
N ARG C 45 -20.41 -13.46 6.74
CA ARG C 45 -21.39 -12.60 6.05
C ARG C 45 -20.90 -12.32 4.64
N GLU C 46 -21.70 -12.70 3.63
CA GLU C 46 -21.33 -12.53 2.23
C GLU C 46 -21.96 -11.26 1.63
N PHE C 47 -21.14 -10.44 1.00
CA PHE C 47 -21.62 -9.32 0.19
C PHE C 47 -22.37 -9.86 -1.04
N VAL C 48 -23.60 -9.37 -1.26
CA VAL C 48 -24.47 -9.84 -2.33
C VAL C 48 -24.57 -8.81 -3.47
N ALA C 49 -25.08 -7.62 -3.18
CA ALA C 49 -25.23 -6.59 -4.20
C ALA C 49 -25.31 -5.23 -3.53
N ALA C 50 -25.14 -4.19 -4.34
CA ALA C 50 -25.18 -2.83 -3.82
C ALA C 50 -25.66 -1.91 -4.93
N MET C 51 -26.17 -0.75 -4.52
CA MET C 51 -26.73 0.20 -5.46
C MET C 51 -26.51 1.61 -4.93
N ASN C 52 -26.19 2.54 -5.83
CA ASN C 52 -26.16 3.95 -5.43
C ASN C 52 -27.60 4.40 -5.24
N TRP C 53 -27.91 4.92 -4.04
CA TRP C 53 -29.31 5.18 -3.70
C TRP C 53 -29.94 6.21 -4.65
N ARG C 54 -29.21 7.28 -4.97
CA ARG C 54 -29.78 8.37 -5.76
C ARG C 54 -29.96 7.96 -7.22
N TYR C 55 -28.95 7.33 -7.82
CA TYR C 55 -28.95 7.04 -9.25
C TYR C 55 -29.26 5.59 -9.59
N ALA C 56 -29.43 4.72 -8.60
CA ALA C 56 -29.82 3.31 -8.79
C ALA C 56 -28.82 2.50 -9.62
N THR C 57 -27.61 3.05 -9.83
CA THR C 57 -26.50 2.29 -10.41
C THR C 57 -26.14 1.13 -9.50
N THR C 58 -25.87 -0.04 -10.11
CA THR C 58 -25.80 -1.28 -9.34
C THR C 58 -24.48 -2.01 -9.50
N TYR C 59 -24.22 -2.90 -8.55
CA TYR C 59 -23.18 -3.92 -8.65
C TYR C 59 -23.75 -5.18 -8.04
N HIS C 60 -23.62 -6.30 -8.74
CA HIS C 60 -23.97 -7.63 -8.22
C HIS C 60 -22.74 -8.53 -8.27
N THR C 61 -22.50 -9.33 -7.22
CA THR C 61 -21.38 -10.28 -7.29
C THR C 61 -21.64 -11.33 -8.36
N ASP C 62 -20.56 -11.95 -8.85
CA ASP C 62 -20.68 -13.00 -9.85
C ASP C 62 -21.43 -14.22 -9.32
N SER C 63 -21.52 -14.36 -8.00
CA SER C 63 -22.14 -15.55 -7.42
C SER C 63 -23.66 -15.53 -7.55
N VAL C 64 -24.26 -14.33 -7.65
CA VAL C 64 -25.71 -14.16 -7.76
C VAL C 64 -26.14 -13.41 -9.01
N LYS C 65 -25.18 -12.97 -9.86
CA LYS C 65 -25.46 -11.97 -10.89
C LYS C 65 -26.60 -12.38 -11.83
N GLY C 66 -26.74 -13.66 -12.17
CA GLY C 66 -27.87 -14.06 -13.01
C GLY C 66 -29.26 -14.08 -12.38
N ARG C 67 -29.37 -14.43 -11.09
CA ARG C 67 -30.65 -14.73 -10.44
C ARG C 67 -31.14 -13.63 -9.52
N PHE C 68 -30.26 -12.83 -8.93
CA PHE C 68 -30.65 -11.83 -7.95
C PHE C 68 -30.51 -10.45 -8.57
N THR C 69 -31.52 -9.61 -8.37
CA THR C 69 -31.52 -8.25 -8.91
C THR C 69 -31.85 -7.27 -7.80
N ILE C 70 -30.88 -6.46 -7.43
CA ILE C 70 -31.16 -5.33 -6.56
C ILE C 70 -31.84 -4.26 -7.39
N SER C 71 -32.68 -3.43 -6.74
CA SER C 71 -33.37 -2.35 -7.44
C SER C 71 -33.99 -1.39 -6.42
N LYS C 72 -34.53 -0.28 -6.95
CA LYS C 72 -35.14 0.78 -6.17
C LYS C 72 -36.61 0.97 -6.58
N ASP C 73 -37.49 1.18 -5.61
CA ASP C 73 -38.87 1.52 -5.91
C ASP C 73 -38.93 2.87 -6.63
N SER C 74 -39.89 3.00 -7.57
CA SER C 74 -39.99 4.21 -8.38
C SER C 74 -40.54 5.41 -7.62
N ALA C 75 -41.01 5.23 -6.38
CA ALA C 75 -41.58 6.32 -5.60
C ALA C 75 -41.34 6.15 -4.09
N LYS C 76 -41.41 4.92 -3.59
CA LYS C 76 -41.25 4.69 -2.16
C LYS C 76 -39.79 4.64 -1.77
N ASN C 77 -39.52 4.98 -0.50
CA ASN C 77 -38.20 4.87 0.11
C ASN C 77 -37.88 3.41 0.43
N THR C 78 -37.84 2.59 -0.62
CA THR C 78 -37.74 1.13 -0.48
C THR C 78 -36.86 0.56 -1.57
N MET C 79 -35.90 -0.28 -1.16
CA MET C 79 -35.06 -1.04 -2.07
C MET C 79 -35.46 -2.51 -2.05
N TYR C 80 -35.31 -3.19 -3.19
CA TYR C 80 -35.72 -4.58 -3.31
C TYR C 80 -34.53 -5.47 -3.64
N LEU C 81 -34.70 -6.75 -3.35
CA LEU C 81 -33.83 -7.80 -3.88
C LEU C 81 -34.75 -8.84 -4.53
N GLN C 82 -34.77 -8.88 -5.85
CA GLN C 82 -35.47 -9.96 -6.54
C GLN C 82 -34.57 -11.18 -6.52
N MET C 83 -35.12 -12.31 -6.06
CA MET C 83 -34.35 -13.55 -5.91
C MET C 83 -35.03 -14.67 -6.68
N ASN C 84 -34.47 -15.04 -7.84
CA ASN C 84 -35.04 -16.12 -8.64
C ASN C 84 -34.19 -17.38 -8.56
N SER C 85 -34.78 -18.49 -9.01
CA SER C 85 -34.10 -19.77 -9.10
C SER C 85 -33.37 -20.09 -7.79
N LEU C 86 -34.10 -19.93 -6.69
CA LEU C 86 -33.53 -20.12 -5.37
C LEU C 86 -33.03 -21.56 -5.16
N LYS C 87 -31.94 -21.69 -4.42
CA LYS C 87 -31.32 -22.97 -4.11
C LYS C 87 -31.13 -23.08 -2.60
N PRO C 88 -30.90 -24.30 -2.08
CA PRO C 88 -30.67 -24.41 -0.62
C PRO C 88 -29.50 -23.57 -0.13
N GLU C 89 -28.47 -23.34 -0.95
CA GLU C 89 -27.31 -22.53 -0.57
C GLU C 89 -27.63 -21.05 -0.40
N ASP C 90 -28.82 -20.60 -0.85
CA ASP C 90 -29.28 -19.25 -0.56
C ASP C 90 -29.84 -19.09 0.85
N THR C 91 -30.02 -20.18 1.60
CA THR C 91 -30.55 -20.09 2.95
C THR C 91 -29.65 -19.23 3.82
N ALA C 92 -30.20 -18.16 4.40
CA ALA C 92 -29.43 -17.26 5.27
C ALA C 92 -30.34 -16.16 5.78
N VAL C 93 -29.85 -15.43 6.77
CA VAL C 93 -30.46 -14.17 7.18
C VAL C 93 -29.96 -13.09 6.24
N TYR C 94 -30.86 -12.48 5.47
CA TYR C 94 -30.51 -11.45 4.49
C TYR C 94 -30.60 -10.07 5.14
N TYR C 95 -29.52 -9.30 5.04
CA TYR C 95 -29.46 -7.97 5.65
C TYR C 95 -29.32 -6.89 4.59
N CYS C 96 -29.83 -5.70 4.90
CA CYS C 96 -29.56 -4.52 4.09
C CYS C 96 -28.77 -3.50 4.90
N ALA C 97 -27.92 -2.75 4.21
CA ALA C 97 -26.97 -1.86 4.84
C ALA C 97 -26.90 -0.55 4.08
N HIS C 98 -26.57 0.51 4.80
CA HIS C 98 -26.38 1.83 4.21
C HIS C 98 -24.99 2.37 4.57
N ARG C 99 -24.51 3.29 3.73
CA ARG C 99 -23.15 3.80 3.78
C ARG C 99 -23.16 5.18 3.15
N TYR C 100 -22.57 6.18 3.82
CA TYR C 100 -22.50 7.53 3.23
C TYR C 100 -21.34 7.69 2.28
N ILE C 101 -20.47 6.68 2.17
CA ILE C 101 -19.31 6.72 1.30
C ILE C 101 -19.70 6.11 -0.04
N TYR C 102 -19.35 6.79 -1.13
CA TYR C 102 -19.55 6.20 -2.44
C TYR C 102 -18.61 5.01 -2.65
N GLY C 103 -17.32 5.18 -2.35
CA GLY C 103 -16.34 4.14 -2.62
C GLY C 103 -16.45 3.56 -4.01
N SER C 104 -16.57 2.24 -4.10
CA SER C 104 -17.01 1.58 -5.32
C SER C 104 -18.20 0.71 -4.97
N LEU C 105 -19.12 0.54 -5.92
CA LEU C 105 -20.27 -0.31 -5.63
C LEU C 105 -19.85 -1.75 -5.42
N SER C 106 -18.68 -2.14 -5.93
CA SER C 106 -18.10 -3.46 -5.72
C SER C 106 -17.44 -3.63 -4.36
N ASP C 107 -17.34 -2.56 -3.57
CA ASP C 107 -16.64 -2.61 -2.30
C ASP C 107 -17.60 -3.06 -1.21
N SER C 108 -17.28 -4.17 -0.54
CA SER C 108 -18.13 -4.70 0.51
C SER C 108 -18.02 -3.96 1.83
N GLY C 109 -17.14 -2.97 1.94
CA GLY C 109 -16.75 -2.43 3.23
C GLY C 109 -17.43 -1.11 3.58
N SER C 110 -17.12 -0.63 4.80
CA SER C 110 -17.49 0.72 5.26
C SER C 110 -19.01 0.91 5.38
N TYR C 111 -19.77 -0.17 5.56
CA TYR C 111 -21.22 -0.06 5.76
C TYR C 111 -21.52 0.16 7.25
N ASP C 112 -22.07 1.34 7.58
CA ASP C 112 -22.33 1.77 8.95
C ASP C 112 -23.64 1.24 9.53
N ASN C 113 -24.75 1.40 8.80
CA ASN C 113 -26.08 1.09 9.34
C ASN C 113 -26.62 -0.19 8.73
N TRP C 114 -27.35 -0.95 9.54
CA TRP C 114 -27.83 -2.28 9.18
C TRP C 114 -29.25 -2.48 9.72
N GLY C 115 -30.08 -3.16 8.94
CA GLY C 115 -31.35 -3.64 9.45
C GLY C 115 -31.15 -4.81 10.41
N GLN C 116 -32.27 -5.35 10.89
CA GLN C 116 -32.20 -6.56 11.72
C GLN C 116 -32.16 -7.83 10.89
N GLY C 117 -32.46 -7.74 9.59
CA GLY C 117 -32.37 -8.89 8.71
C GLY C 117 -33.67 -9.67 8.63
N THR C 118 -33.80 -10.46 7.57
CA THR C 118 -34.98 -11.28 7.36
C THR C 118 -34.55 -12.66 6.90
N GLN C 119 -35.12 -13.70 7.51
CA GLN C 119 -34.67 -15.06 7.30
C GLN C 119 -35.24 -15.62 6.00
N VAL C 120 -34.35 -16.15 5.16
CA VAL C 120 -34.73 -16.86 3.94
C VAL C 120 -34.31 -18.31 4.10
N THR C 121 -35.26 -19.22 3.90
CA THR C 121 -35.01 -20.66 4.05
C THR C 121 -35.49 -21.36 2.77
N VAL C 122 -34.55 -21.97 2.06
CA VAL C 122 -34.85 -22.70 0.83
C VAL C 122 -34.65 -24.19 1.10
N SER C 123 -35.56 -25.00 0.58
CA SER C 123 -35.52 -26.44 0.81
C SER C 123 -35.88 -27.17 -0.47
N SER C 124 -35.32 -28.38 -0.63
CA SER C 124 -35.65 -29.19 -1.80
C SER C 124 -36.94 -30.00 -1.56
N GLN D 1 -23.60 5.97 18.57
CA GLN D 1 -23.90 7.39 18.70
C GLN D 1 -23.36 7.95 20.03
N VAL D 2 -22.76 9.14 19.95
CA VAL D 2 -22.19 9.85 21.10
C VAL D 2 -22.38 11.34 20.86
N GLN D 3 -22.82 12.08 21.88
CA GLN D 3 -23.06 13.51 21.77
C GLN D 3 -22.03 14.30 22.57
N LEU D 4 -21.51 15.37 21.97
CA LEU D 4 -20.41 16.13 22.53
C LEU D 4 -20.71 17.62 22.53
N GLN D 5 -20.12 18.32 23.50
CA GLN D 5 -20.27 19.78 23.60
C GLN D 5 -19.05 20.34 24.32
N GLU D 6 -18.33 21.22 23.62
CA GLU D 6 -17.18 21.91 24.16
C GLU D 6 -17.63 23.11 25.00
N SER D 7 -16.69 23.67 25.77
CA SER D 7 -16.91 24.90 26.51
C SER D 7 -15.59 25.39 27.06
N GLY D 8 -15.57 26.66 27.47
CA GLY D 8 -14.42 27.23 28.14
C GLY D 8 -13.55 28.12 27.28
N GLY D 9 -13.91 28.33 26.03
CA GLY D 9 -13.14 29.23 25.20
C GLY D 9 -13.54 30.68 25.37
N GLY D 10 -12.64 31.56 24.95
CA GLY D 10 -12.89 32.98 25.02
C GLY D 10 -11.65 33.77 24.68
N LEU D 11 -11.67 35.06 25.03
CA LEU D 11 -10.57 35.97 24.75
C LEU D 11 -9.57 35.95 25.89
N VAL D 12 -8.30 35.82 25.56
CA VAL D 12 -7.22 35.70 26.53
C VAL D 12 -5.97 36.34 25.94
N GLN D 13 -5.09 36.81 26.81
CA GLN D 13 -3.86 37.44 26.37
C GLN D 13 -2.75 36.40 26.25
N ALA D 14 -1.80 36.69 25.35
CA ALA D 14 -0.71 35.77 25.05
C ALA D 14 0.16 35.50 26.29
N GLY D 15 0.11 34.28 26.80
CA GLY D 15 0.85 33.91 27.98
C GLY D 15 -0.04 33.22 28.98
N GLY D 16 -1.32 33.55 28.95
CA GLY D 16 -2.26 33.00 29.90
C GLY D 16 -2.62 31.57 29.63
N SER D 17 -3.69 31.12 30.28
CA SER D 17 -4.10 29.73 30.23
C SER D 17 -5.61 29.64 30.13
N LEU D 18 -6.08 28.56 29.52
CA LEU D 18 -7.47 28.16 29.52
C LEU D 18 -7.56 26.67 29.81
N ARG D 19 -8.74 26.24 30.22
CA ARG D 19 -9.05 24.81 30.33
C ARG D 19 -10.37 24.59 29.61
N LEU D 20 -10.29 24.04 28.40
CA LEU D 20 -11.48 23.65 27.67
C LEU D 20 -12.08 22.39 28.26
N SER D 21 -13.40 22.27 28.15
CA SER D 21 -14.12 21.11 28.65
C SER D 21 -14.98 20.52 27.54
N CYS D 22 -15.00 19.19 27.44
CA CYS D 22 -15.82 18.48 26.45
C CYS D 22 -16.63 17.41 27.17
N THR D 23 -17.93 17.65 27.37
CA THR D 23 -18.77 16.65 28.02
C THR D 23 -19.27 15.60 27.03
N VAL D 24 -19.38 14.36 27.50
CA VAL D 24 -19.71 13.21 26.64
C VAL D 24 -20.93 12.49 27.21
N SER D 25 -21.78 11.98 26.30
CA SER D 25 -22.92 11.16 26.67
C SER D 25 -23.26 10.24 25.51
N GLY D 26 -23.72 9.03 25.83
CA GLY D 26 -24.03 8.01 24.84
C GLY D 26 -23.26 6.73 25.08
N ARG D 27 -23.50 5.77 24.18
CA ARG D 27 -22.88 4.45 24.28
C ARG D 27 -21.38 4.54 23.97
N THR D 28 -20.55 4.19 24.95
CA THR D 28 -19.10 4.30 24.82
C THR D 28 -18.45 3.03 25.37
N ASP D 29 -17.64 2.35 24.54
CA ASP D 29 -17.07 1.09 24.98
C ASP D 29 -15.55 1.20 25.14
N SER D 30 -14.88 0.05 25.04
CA SER D 30 -13.48 -0.03 25.43
C SER D 30 -12.59 0.72 24.44
N GLU D 31 -12.89 0.63 23.15
CA GLU D 31 -12.07 1.25 22.11
C GLU D 31 -12.54 2.65 21.73
N SER D 32 -13.48 3.24 22.48
CA SER D 32 -13.92 4.60 22.20
C SER D 32 -12.75 5.56 22.36
N THR D 33 -12.53 6.38 21.35
CA THR D 33 -11.40 7.30 21.33
C THR D 33 -11.92 8.74 21.25
N MET D 34 -11.37 9.59 22.11
CA MET D 34 -11.78 10.97 22.21
C MET D 34 -10.61 11.87 21.85
N GLY D 35 -10.86 12.84 20.98
CA GLY D 35 -9.79 13.70 20.50
C GLY D 35 -10.21 15.15 20.46
N TRP D 36 -9.20 16.01 20.50
CA TRP D 36 -9.32 17.45 20.31
C TRP D 36 -8.75 17.85 18.97
N PHE D 37 -9.47 18.73 18.27
CA PHE D 37 -9.07 19.31 17.00
C PHE D 37 -9.23 20.82 17.08
N ARG D 38 -8.64 21.53 16.12
CA ARG D 38 -8.81 22.97 16.03
C ARG D 38 -8.73 23.42 14.58
N GLN D 39 -9.43 24.51 14.26
CA GLN D 39 -9.49 25.05 12.92
C GLN D 39 -9.51 26.57 13.03
N ALA D 40 -8.43 27.22 12.60
CA ALA D 40 -8.42 28.67 12.48
C ALA D 40 -9.15 29.09 11.21
N ALA D 41 -9.57 30.36 11.18
CA ALA D 41 -10.32 30.88 10.04
C ALA D 41 -9.57 30.65 8.73
N GLY D 42 -10.23 29.96 7.79
CA GLY D 42 -9.71 29.79 6.45
C GLY D 42 -8.61 28.76 6.31
N LYS D 43 -8.32 28.01 7.38
CA LYS D 43 -7.26 27.03 7.36
C LYS D 43 -7.85 25.64 7.57
N GLY D 44 -7.00 24.63 7.43
CA GLY D 44 -7.46 23.27 7.60
C GLY D 44 -7.59 22.85 9.05
N ARG D 45 -8.47 21.89 9.28
CA ARG D 45 -8.69 21.36 10.62
C ARG D 45 -7.43 20.62 11.10
N GLU D 46 -6.90 21.03 12.24
CA GLU D 46 -5.66 20.48 12.75
C GLU D 46 -5.95 19.52 13.90
N PHE D 47 -5.43 18.30 13.78
CA PHE D 47 -5.45 17.34 14.88
C PHE D 47 -4.54 17.82 16.00
N VAL D 48 -5.02 17.72 17.25
CA VAL D 48 -4.33 18.30 18.39
C VAL D 48 -3.95 17.23 19.42
N ALA D 49 -4.92 16.46 19.89
CA ALA D 49 -4.62 15.44 20.89
C ALA D 49 -5.74 14.41 20.93
N ALA D 50 -5.43 13.21 21.45
CA ALA D 50 -6.45 12.17 21.57
C ALA D 50 -6.20 11.31 22.80
N MET D 51 -7.27 10.71 23.32
CA MET D 51 -7.14 9.80 24.45
C MET D 51 -8.07 8.60 24.30
N ASN D 52 -7.68 7.49 24.93
CA ASN D 52 -8.57 6.33 25.05
C ASN D 52 -9.48 6.53 26.25
N TRP D 53 -10.79 6.56 26.00
CA TRP D 53 -11.76 6.84 27.05
C TRP D 53 -11.62 5.90 28.23
N ARG D 54 -11.40 4.60 27.96
CA ARG D 54 -11.32 3.62 29.02
C ARG D 54 -10.12 3.87 29.94
N TYR D 55 -8.92 3.84 29.38
CA TYR D 55 -7.67 3.81 30.16
C TYR D 55 -6.98 5.16 30.24
N ALA D 56 -7.51 6.18 29.56
CA ALA D 56 -6.96 7.54 29.56
C ALA D 56 -5.56 7.60 28.96
N THR D 57 -5.20 6.63 28.13
CA THR D 57 -3.97 6.71 27.35
C THR D 57 -4.06 7.87 26.36
N THR D 58 -2.94 8.57 26.15
CA THR D 58 -2.96 9.86 25.47
C THR D 58 -1.96 9.92 24.31
N TYR D 59 -2.33 10.71 23.30
CA TYR D 59 -1.39 11.14 22.28
C TYR D 59 -1.52 12.64 22.11
N HIS D 60 -0.39 13.33 22.10
CA HIS D 60 -0.34 14.76 21.81
C HIS D 60 0.58 15.01 20.62
N THR D 61 0.16 15.88 19.71
CA THR D 61 1.04 16.25 18.62
C THR D 61 2.17 17.13 19.14
N ASP D 62 3.31 17.08 18.44
CA ASP D 62 4.51 17.75 18.91
C ASP D 62 4.39 19.27 18.96
N SER D 63 3.48 19.86 18.18
CA SER D 63 3.35 21.32 18.24
C SER D 63 2.71 21.81 19.54
N VAL D 64 2.02 20.93 20.28
CA VAL D 64 1.38 21.33 21.53
C VAL D 64 1.87 20.53 22.74
N LYS D 65 2.78 19.57 22.54
CA LYS D 65 3.03 18.56 23.56
C LYS D 65 3.55 19.18 24.86
N GLY D 66 4.32 20.26 24.78
CA GLY D 66 4.78 20.90 26.00
C GLY D 66 3.71 21.67 26.76
N ARG D 67 2.73 22.24 26.05
CA ARG D 67 1.81 23.23 26.61
C ARG D 67 0.40 22.73 26.84
N PHE D 68 -0.10 21.81 26.02
CA PHE D 68 -1.48 21.33 26.14
C PHE D 68 -1.47 19.93 26.70
N THR D 69 -2.41 19.64 27.60
CA THR D 69 -2.56 18.31 28.18
C THR D 69 -4.02 17.91 28.07
N ILE D 70 -4.27 16.82 27.36
CA ILE D 70 -5.59 16.21 27.37
C ILE D 70 -5.73 15.42 28.66
N SER D 71 -6.95 15.32 29.18
CA SER D 71 -7.20 14.55 30.39
C SER D 71 -8.70 14.35 30.54
N LYS D 72 -9.07 13.43 31.44
CA LYS D 72 -10.44 12.98 31.65
C LYS D 72 -10.76 13.01 33.13
N ASP D 73 -11.82 13.72 33.50
CA ASP D 73 -12.48 13.56 34.80
C ASP D 73 -13.44 12.39 34.66
N SER D 74 -13.04 11.22 35.16
CA SER D 74 -13.87 10.02 34.98
C SER D 74 -15.08 10.04 35.91
N ALA D 75 -14.97 10.73 37.05
CA ALA D 75 -16.14 10.95 37.91
C ALA D 75 -17.32 11.49 37.09
N LYS D 76 -17.13 12.64 36.47
CA LYS D 76 -18.07 13.13 35.47
C LYS D 76 -17.81 12.43 34.15
N ASN D 77 -18.54 12.83 33.11
CA ASN D 77 -18.27 12.35 31.76
C ASN D 77 -17.73 13.50 30.93
N THR D 78 -16.51 13.92 31.29
CA THR D 78 -15.97 15.17 30.77
C THR D 78 -14.50 15.00 30.42
N MET D 79 -14.16 15.30 29.17
CA MET D 79 -12.79 15.49 28.72
C MET D 79 -12.36 16.94 28.90
N TYR D 80 -11.04 17.14 29.00
CA TYR D 80 -10.46 18.46 29.19
C TYR D 80 -9.28 18.67 28.25
N LEU D 81 -8.89 19.94 28.13
CA LEU D 81 -7.70 20.36 27.37
C LEU D 81 -7.06 21.51 28.15
N GLN D 82 -5.96 21.23 28.84
CA GLN D 82 -5.22 22.27 29.57
C GLN D 82 -4.33 23.01 28.58
N MET D 83 -4.62 24.27 28.32
CA MET D 83 -3.89 25.08 27.35
C MET D 83 -3.07 26.12 28.10
N ASN D 84 -1.76 25.93 28.15
CA ASN D 84 -0.83 26.84 28.81
C ASN D 84 -0.01 27.60 27.77
N SER D 85 0.72 28.61 28.26
CA SER D 85 1.63 29.43 27.46
C SER D 85 1.05 29.71 26.09
N LEU D 86 -0.19 30.23 26.08
CA LEU D 86 -0.90 30.46 24.83
C LEU D 86 -0.20 31.54 24.00
N LYS D 87 -0.22 31.34 22.68
CA LYS D 87 0.32 32.29 21.72
C LYS D 87 -0.74 32.60 20.70
N PRO D 88 -0.61 33.71 19.95
CA PRO D 88 -1.66 34.03 18.97
C PRO D 88 -1.91 32.94 17.95
N GLU D 89 -0.90 32.14 17.62
CA GLU D 89 -1.07 31.04 16.67
C GLU D 89 -2.11 30.03 17.15
N ASP D 90 -2.36 29.97 18.46
CA ASP D 90 -3.37 29.05 19.01
C ASP D 90 -4.80 29.51 18.76
N THR D 91 -5.01 30.67 18.15
CA THR D 91 -6.36 31.13 17.90
C THR D 91 -7.03 30.21 16.90
N ALA D 92 -8.21 29.71 17.25
CA ALA D 92 -8.97 28.79 16.41
C ALA D 92 -10.24 28.42 17.17
N VAL D 93 -11.12 27.72 16.46
CA VAL D 93 -12.24 27.03 17.09
C VAL D 93 -11.75 25.63 17.46
N TYR D 94 -11.92 25.26 18.71
CA TYR D 94 -11.51 23.96 19.22
C TYR D 94 -12.70 23.02 19.25
N TYR D 95 -12.54 21.85 18.63
CA TYR D 95 -13.56 20.82 18.57
C TYR D 95 -13.09 19.59 19.32
N CYS D 96 -14.04 18.87 19.88
CA CYS D 96 -13.77 17.52 20.37
C CYS D 96 -14.58 16.53 19.54
N ALA D 97 -14.08 15.31 19.46
CA ALA D 97 -14.67 14.31 18.59
C ALA D 97 -14.58 12.93 19.25
N HIS D 98 -15.48 12.05 18.84
CA HIS D 98 -15.48 10.66 19.29
C HIS D 98 -15.29 9.72 18.11
N ARG D 99 -14.65 8.58 18.37
CA ARG D 99 -14.42 7.56 17.35
C ARG D 99 -14.55 6.19 17.98
N TYR D 100 -15.41 5.34 17.43
CA TYR D 100 -15.60 4.01 17.99
C TYR D 100 -14.41 3.10 17.76
N ILE D 101 -13.53 3.46 16.82
CA ILE D 101 -12.38 2.66 16.41
C ILE D 101 -11.17 3.03 17.28
N TYR D 102 -10.38 2.02 17.66
CA TYR D 102 -9.12 2.32 18.35
C TYR D 102 -8.09 2.89 17.38
N GLY D 103 -7.86 2.21 16.27
CA GLY D 103 -6.88 2.68 15.29
C GLY D 103 -5.51 2.78 15.92
N SER D 104 -4.95 3.99 15.90
CA SER D 104 -3.90 4.39 16.82
C SER D 104 -4.29 5.77 17.33
N LEU D 105 -3.90 6.06 18.57
CA LEU D 105 -4.26 7.37 19.14
C LEU D 105 -3.66 8.51 18.33
N SER D 106 -2.49 8.29 17.72
CA SER D 106 -1.88 9.26 16.83
C SER D 106 -2.63 9.43 15.51
N ASP D 107 -3.63 8.62 15.21
CA ASP D 107 -4.34 8.67 13.94
C ASP D 107 -5.41 9.78 13.98
N SER D 108 -5.32 10.74 13.06
CA SER D 108 -6.24 11.87 13.04
C SER D 108 -7.59 11.55 12.40
N GLY D 109 -7.75 10.39 11.74
CA GLY D 109 -8.91 10.12 10.92
C GLY D 109 -9.95 9.20 11.56
N SER D 110 -11.05 9.03 10.80
CA SER D 110 -12.18 8.15 11.12
C SER D 110 -12.95 8.61 12.37
N TYR D 111 -12.93 9.91 12.67
CA TYR D 111 -13.72 10.47 13.76
C TYR D 111 -15.15 10.74 13.30
N ASP D 112 -16.11 10.09 13.97
CA ASP D 112 -17.51 10.12 13.55
C ASP D 112 -18.27 11.32 14.11
N ASN D 113 -18.38 11.40 15.44
CA ASN D 113 -19.16 12.44 16.10
C ASN D 113 -18.29 13.63 16.46
N TRP D 114 -18.92 14.82 16.49
CA TRP D 114 -18.25 16.09 16.73
C TRP D 114 -19.15 17.01 17.55
N GLY D 115 -18.55 17.77 18.47
CA GLY D 115 -19.26 18.86 19.12
C GLY D 115 -19.25 20.12 18.24
N GLN D 116 -20.03 21.13 18.65
CA GLN D 116 -20.18 22.31 17.78
C GLN D 116 -18.96 23.22 17.81
N GLY D 117 -18.17 23.19 18.87
CA GLY D 117 -16.92 23.92 18.98
C GLY D 117 -17.03 25.17 19.84
N THR D 118 -15.94 25.55 20.48
CA THR D 118 -15.85 26.78 21.24
C THR D 118 -14.72 27.65 20.69
N GLN D 119 -14.95 28.95 20.62
CA GLN D 119 -13.97 29.86 20.04
C GLN D 119 -12.92 30.24 21.08
N VAL D 120 -11.66 30.14 20.69
CA VAL D 120 -10.53 30.51 21.54
C VAL D 120 -9.73 31.56 20.80
N THR D 121 -9.67 32.76 21.37
CA THR D 121 -8.92 33.85 20.75
C THR D 121 -7.80 34.27 21.69
N VAL D 122 -6.57 34.22 21.19
CA VAL D 122 -5.39 34.62 21.95
C VAL D 122 -4.94 35.98 21.44
N SER D 123 -4.70 36.92 22.36
CA SER D 123 -4.36 38.29 22.01
C SER D 123 -2.88 38.58 22.23
C1 EDO E . 22.56 1.59 -18.17
O1 EDO E . 23.55 2.14 -19.05
C2 EDO E . 21.83 2.67 -17.39
O2 EDO E . 22.71 3.21 -16.41
C1 EDO F . 21.86 -15.38 -6.77
O1 EDO F . 21.06 -15.96 -7.82
C2 EDO F . 23.30 -15.44 -7.23
O2 EDO F . 23.36 -16.41 -8.29
#